data_8WCL
#
_entry.id   8WCL
#
_cell.length_a   1.00
_cell.length_b   1.00
_cell.length_c   1.00
_cell.angle_alpha   90.00
_cell.angle_beta   90.00
_cell.angle_gamma   90.00
#
_symmetry.space_group_name_H-M   'P 1'
#
loop_
_entity.id
_entity.type
_entity.pdbx_description
1 polymer 'Chlorophyll a/c-binding protein Lhcf6'
2 polymer 'Chlorophyll a/b-binding protein'
3 polymer 'Fucoxanthin-chlorophyll a/c protein'
4 polymer 'Chlorophyll a/c-binding protein Lhcf7'
5 non-polymer "(3S,3'S,5R,5'R,6S,6'R,8'R)-3,5'-dihydroxy-8-oxo-6',7'-didehydro-5,5',6,6',7,8-hexahydro-5,6-epoxy-beta,beta-caroten-3'- yl acetate"
6 non-polymer 'CHLOROPHYLL A'
7 non-polymer 'Chlorophyll c2'
8 non-polymer 'Chlorophyll c1'
9 non-polymer DODECYL-BETA-D-MALTOSIDE
10 non-polymer 1,2-DISTEAROYL-MONOGALACTOSYL-DIGLYCERIDE
#
loop_
_entity_poly.entity_id
_entity_poly.type
_entity_poly.pdbx_seq_one_letter_code
_entity_poly.pdbx_strand_id
1 'polypeptide(L)'
;MMKTAILAAMLGSAAAFVPAQQSKVSTSLAASELEDGIGAVAPLGYFDPLGYIKDEETFIRYRAVERKHGRVAMMAMLGT
FVHNNGWTFDGYLSPSQGLKFSDIDSGIGGLFQVPPAGLAQIILLCGFVELAWWPASNLSGDYGVRLGTLNDWEEQPAKY
YRQKNAELNNGRAAMMGILGTFTHEVITGQNFAEQAAAGHFSPFGDGQGFF
;
6
2 'polypeptide(L)'
;MKLAVAALLVASAAAFAPAPASKASTSLKVSEIELGVTEPLGVYDPLGWLESEPEAFERRRAVERKHGRVAMAAVVGTIV
HNNHIVFDGYLSPSNNLKFSDIPTGVDGIRAIPTAGLAQILAFFALVELAWMPASKYDGDYGVGYFGTDIKDPEEKARKL
NVELNNGRAAMMGIMGNMVAEVLTGQTMYEQYASGHISPFGDGQGVF
;
8,5
3 'polypeptide(L)'
;MKLALLASLVASAAAFAPSKVAQTSTALKAFENELGAQPPLGFFDPLGLVEDGNQAKFDRLRYVELKHGRISMLAVVGYL
IEKAGIRLPGNISYDGTSFADIPDGFAALSKIPDAGLFQLFAFIGFLEVFVMKDITGGEFVGDFRNGFIDFGWDSFDEET
KLKKRAIELNQGRAAMMGILALMVHEKLGVSLLPQ
;
9
4 'polypeptide(L)'
;MKLAIAALLATSAAAFTTSPASRATTSLQVSEIELGATEPLGVFDPLGWLETEPEAFERRRAVERKHGRVAMAAVVGTIV
HNNHIVFDGYISPSNNLKFSDIPTGIDGIFSVPTAGLAQIIAFLGFVELAWLPASQYDGDYGVGYFGNDILDPEEKARKL
NAELNNGRAAMMGIMGNMVAEKITGQTMYEQYAAGHFNPFNDGEGFF
;
7
#
# COMPACT_ATOMS: atom_id res chain seq x y z
N GLU A 33 -9.05 -34.15 -15.02
CA GLU A 33 -9.54 -33.27 -13.97
C GLU A 33 -10.05 -34.08 -12.78
N LEU A 34 -10.60 -35.25 -13.06
CA LEU A 34 -10.98 -36.17 -11.98
C LEU A 34 -9.74 -36.66 -11.23
N GLU A 35 -8.67 -36.98 -11.96
CA GLU A 35 -7.44 -37.42 -11.33
C GLU A 35 -6.80 -36.34 -10.49
N ASP A 36 -7.02 -35.06 -10.82
CA ASP A 36 -6.48 -33.97 -10.03
C ASP A 36 -7.30 -33.68 -8.77
N GLY A 37 -8.45 -34.33 -8.60
CA GLY A 37 -9.29 -34.07 -7.46
C GLY A 37 -9.85 -32.66 -7.44
N ILE A 38 -10.25 -32.15 -8.59
CA ILE A 38 -10.84 -30.81 -8.67
C ILE A 38 -12.31 -30.91 -8.26
N GLY A 39 -12.71 -30.08 -7.31
CA GLY A 39 -14.05 -30.10 -6.79
C GLY A 39 -14.26 -31.02 -5.60
N ALA A 40 -13.25 -31.78 -5.22
CA ALA A 40 -13.30 -32.64 -4.04
C ALA A 40 -12.40 -32.02 -2.98
N VAL A 41 -12.99 -31.27 -2.06
CA VAL A 41 -12.28 -30.58 -1.00
C VAL A 41 -12.92 -30.95 0.33
N ALA A 42 -12.41 -30.35 1.41
CA ALA A 42 -13.01 -30.56 2.70
C ALA A 42 -14.37 -29.87 2.77
N PRO A 43 -15.28 -30.35 3.63
CA PRO A 43 -15.16 -31.47 4.57
C PRO A 43 -15.41 -32.84 3.94
N LEU A 44 -16.32 -32.90 2.99
CA LEU A 44 -16.61 -34.14 2.25
C LEU A 44 -15.87 -34.07 0.92
N GLY A 45 -15.07 -35.09 0.65
CA GLY A 45 -14.14 -35.02 -0.46
C GLY A 45 -14.78 -35.51 -1.73
N TYR A 46 -14.39 -36.68 -2.21
CA TYR A 46 -15.05 -37.22 -3.40
C TYR A 46 -16.46 -37.66 -2.99
N PHE A 47 -17.43 -36.77 -3.16
CA PHE A 47 -18.77 -36.95 -2.63
C PHE A 47 -19.72 -37.23 -3.79
N ASP A 48 -19.96 -38.50 -4.06
CA ASP A 48 -20.93 -38.95 -5.07
C ASP A 48 -21.79 -40.02 -4.42
N PRO A 49 -22.71 -39.64 -3.53
CA PRO A 49 -23.52 -40.64 -2.83
C PRO A 49 -24.40 -41.47 -3.73
N LEU A 50 -24.84 -40.93 -4.87
CA LEU A 50 -25.75 -41.63 -5.75
C LEU A 50 -25.02 -42.44 -6.82
N GLY A 51 -23.69 -42.42 -6.85
CA GLY A 51 -22.95 -43.17 -7.83
C GLY A 51 -23.20 -42.73 -9.26
N TYR A 52 -23.32 -41.43 -9.49
CA TYR A 52 -23.53 -40.94 -10.85
C TYR A 52 -22.29 -41.11 -11.71
N ILE A 53 -21.11 -41.11 -11.10
CA ILE A 53 -19.86 -41.25 -11.85
C ILE A 53 -19.61 -42.72 -12.13
N LYS A 54 -19.46 -43.06 -13.40
CA LYS A 54 -19.17 -44.43 -13.82
C LYS A 54 -17.90 -44.54 -14.64
N ASP A 55 -17.58 -43.53 -15.45
CA ASP A 55 -16.32 -43.49 -16.16
C ASP A 55 -15.87 -42.03 -16.25
N GLU A 56 -14.80 -41.79 -16.99
CA GLU A 56 -14.27 -40.44 -17.10
C GLU A 56 -15.15 -39.55 -17.96
N GLU A 57 -15.81 -40.11 -18.98
CA GLU A 57 -16.63 -39.30 -19.88
C GLU A 57 -17.83 -38.70 -19.17
N THR A 58 -18.52 -39.49 -18.34
CA THR A 58 -19.68 -38.96 -17.62
C THR A 58 -19.24 -37.92 -16.60
N PHE A 59 -18.08 -38.11 -15.96
CA PHE A 59 -17.58 -37.08 -15.06
C PHE A 59 -17.25 -35.81 -15.83
N ILE A 60 -16.67 -35.92 -17.02
CA ILE A 60 -16.35 -34.73 -17.80
C ILE A 60 -17.63 -33.98 -18.15
N ARG A 61 -18.65 -34.70 -18.60
CA ARG A 61 -19.92 -34.06 -18.93
C ARG A 61 -20.53 -33.37 -17.71
N TYR A 62 -20.58 -34.08 -16.58
CA TYR A 62 -21.18 -33.51 -15.37
C TYR A 62 -20.39 -32.33 -14.86
N ARG A 63 -19.06 -32.38 -14.94
CA ARG A 63 -18.24 -31.27 -14.49
C ARG A 63 -18.38 -30.06 -15.39
N ALA A 64 -18.51 -30.27 -16.70
CA ALA A 64 -18.77 -29.15 -17.60
C ALA A 64 -20.11 -28.50 -17.28
N VAL A 65 -21.15 -29.33 -17.08
CA VAL A 65 -22.45 -28.80 -16.73
C VAL A 65 -22.39 -28.05 -15.40
N GLU A 66 -21.72 -28.62 -14.41
CA GLU A 66 -21.61 -28.00 -13.10
C GLU A 66 -20.86 -26.68 -13.18
N ARG A 67 -19.78 -26.63 -13.97
CA ARG A 67 -18.99 -25.41 -14.05
C ARG A 67 -19.76 -24.30 -14.75
N LYS A 68 -20.46 -24.63 -15.84
CA LYS A 68 -21.27 -23.63 -16.50
C LYS A 68 -22.38 -23.12 -15.59
N HIS A 69 -23.04 -24.04 -14.88
CA HIS A 69 -24.07 -23.65 -13.93
C HIS A 69 -23.51 -22.77 -12.83
N GLY A 70 -22.34 -23.13 -12.31
CA GLY A 70 -21.75 -22.34 -11.26
C GLY A 70 -21.41 -20.94 -11.72
N ARG A 71 -20.84 -20.80 -12.91
CA ARG A 71 -20.52 -19.48 -13.43
C ARG A 71 -21.79 -18.65 -13.63
N VAL A 72 -22.82 -19.25 -14.23
CA VAL A 72 -24.06 -18.52 -14.45
C VAL A 72 -24.69 -18.11 -13.13
N ALA A 73 -24.69 -19.01 -12.14
CA ALA A 73 -25.30 -18.70 -10.86
C ALA A 73 -24.50 -17.68 -10.06
N MET A 74 -23.18 -17.68 -10.20
CA MET A 74 -22.38 -16.64 -9.56
C MET A 74 -22.68 -15.28 -10.16
N MET A 75 -22.80 -15.21 -11.49
CA MET A 75 -23.20 -13.95 -12.10
C MET A 75 -24.60 -13.54 -11.66
N ALA A 76 -25.51 -14.51 -11.56
CA ALA A 76 -26.86 -14.22 -11.11
C ALA A 76 -26.89 -13.70 -9.68
N MET A 77 -26.07 -14.29 -8.80
CA MET A 77 -26.02 -13.84 -7.41
C MET A 77 -25.44 -12.44 -7.30
N LEU A 78 -24.38 -12.16 -8.06
CA LEU A 78 -23.84 -10.80 -8.07
C LEU A 78 -24.87 -9.81 -8.58
N GLY A 79 -25.62 -10.20 -9.61
CA GLY A 79 -26.68 -9.34 -10.10
C GLY A 79 -27.77 -9.10 -9.08
N THR A 80 -28.18 -10.14 -8.35
CA THR A 80 -29.21 -9.97 -7.33
C THR A 80 -28.71 -9.05 -6.22
N PHE A 81 -27.45 -9.20 -5.81
CA PHE A 81 -26.90 -8.29 -4.81
C PHE A 81 -26.91 -6.85 -5.31
N VAL A 82 -26.51 -6.63 -6.57
CA VAL A 82 -26.51 -5.28 -7.12
C VAL A 82 -27.92 -4.72 -7.17
N HIS A 83 -28.88 -5.53 -7.61
CA HIS A 83 -30.26 -5.08 -7.73
C HIS A 83 -30.83 -4.69 -6.37
N ASN A 84 -30.72 -5.59 -5.40
CA ASN A 84 -31.31 -5.33 -4.10
C ASN A 84 -30.53 -4.32 -3.28
N ASN A 85 -29.32 -3.98 -3.68
CA ASN A 85 -28.60 -2.86 -3.08
C ASN A 85 -29.02 -1.53 -3.68
N GLY A 86 -29.88 -1.52 -4.69
CA GLY A 86 -30.36 -0.30 -5.29
C GLY A 86 -29.43 0.35 -6.29
N TRP A 87 -28.29 -0.26 -6.57
CA TRP A 87 -27.31 0.30 -7.50
C TRP A 87 -27.84 0.11 -8.92
N THR A 88 -28.45 1.14 -9.46
CA THR A 88 -29.01 1.09 -10.80
C THR A 88 -28.42 2.22 -11.65
N PHE A 89 -28.41 1.98 -12.97
CA PHE A 89 -27.96 2.99 -13.90
C PHE A 89 -28.94 4.16 -13.91
N ASP A 90 -28.44 5.33 -14.29
CA ASP A 90 -29.24 6.54 -14.38
C ASP A 90 -29.59 6.78 -15.84
N GLY A 91 -30.89 6.90 -16.12
CA GLY A 91 -31.37 7.10 -17.47
C GLY A 91 -32.55 6.20 -17.73
N TYR A 92 -32.80 5.96 -19.01
CA TYR A 92 -33.90 5.12 -19.47
C TYR A 92 -33.33 3.87 -20.12
N LEU A 93 -33.82 2.70 -19.67
CA LEU A 93 -33.45 1.46 -20.34
C LEU A 93 -33.96 1.45 -21.78
N SER A 94 -35.19 1.91 -21.99
CA SER A 94 -35.77 2.05 -23.32
C SER A 94 -36.52 3.38 -23.35
N PRO A 95 -35.88 4.45 -23.83
CA PRO A 95 -36.56 5.75 -23.85
C PRO A 95 -37.84 5.75 -24.65
N SER A 96 -37.97 4.89 -25.66
CA SER A 96 -39.20 4.84 -26.45
C SER A 96 -40.37 4.42 -25.59
N GLN A 97 -40.16 3.47 -24.67
CA GLN A 97 -41.20 3.03 -23.76
C GLN A 97 -41.21 3.80 -22.45
N GLY A 98 -40.31 4.77 -22.28
CA GLY A 98 -40.25 5.51 -21.03
C GLY A 98 -39.84 4.68 -19.84
N LEU A 99 -39.15 3.57 -20.07
CA LEU A 99 -38.77 2.64 -19.01
C LEU A 99 -37.41 3.04 -18.46
N LYS A 100 -37.40 3.62 -17.27
CA LYS A 100 -36.14 3.94 -16.61
C LYS A 100 -35.48 2.69 -16.06
N PHE A 101 -34.19 2.80 -15.75
CA PHE A 101 -33.50 1.70 -15.08
C PHE A 101 -34.02 1.51 -13.66
N SER A 102 -34.52 2.58 -13.03
CA SER A 102 -35.06 2.49 -11.69
C SER A 102 -36.46 1.89 -11.65
N ASP A 103 -37.14 1.77 -12.79
CA ASP A 103 -38.46 1.16 -12.83
C ASP A 103 -38.41 -0.36 -12.91
N ILE A 104 -37.23 -0.94 -13.10
CA ILE A 104 -37.09 -2.38 -13.21
C ILE A 104 -37.15 -3.00 -11.83
N ASP A 105 -37.92 -4.07 -11.68
CA ASP A 105 -38.02 -4.77 -10.41
C ASP A 105 -36.67 -5.38 -10.03
N SER A 106 -36.38 -5.38 -8.72
CA SER A 106 -35.18 -5.99 -8.20
C SER A 106 -35.34 -7.48 -7.92
N GLY A 107 -36.53 -8.02 -8.10
CA GLY A 107 -36.80 -9.42 -7.86
C GLY A 107 -36.60 -10.28 -9.08
N ILE A 108 -37.11 -11.52 -9.00
CA ILE A 108 -36.96 -12.46 -10.09
C ILE A 108 -37.74 -12.04 -11.33
N GLY A 109 -38.71 -11.14 -11.18
CA GLY A 109 -39.44 -10.62 -12.31
C GLY A 109 -38.82 -9.43 -12.99
N GLY A 110 -37.61 -9.03 -12.56
CA GLY A 110 -36.98 -7.85 -13.15
C GLY A 110 -36.62 -8.03 -14.61
N LEU A 111 -36.03 -9.18 -14.96
CA LEU A 111 -35.62 -9.39 -16.33
C LEU A 111 -36.80 -9.44 -17.29
N PHE A 112 -37.94 -9.93 -16.82
CA PHE A 112 -39.11 -10.03 -17.68
C PHE A 112 -39.79 -8.69 -17.93
N GLN A 113 -39.38 -7.65 -17.20
CA GLN A 113 -39.82 -6.29 -17.49
C GLN A 113 -38.99 -5.63 -18.58
N VAL A 114 -37.85 -6.21 -18.95
CA VAL A 114 -37.05 -5.67 -20.05
C VAL A 114 -37.83 -5.79 -21.34
N PRO A 115 -37.84 -4.77 -22.20
CA PRO A 115 -38.62 -4.86 -23.43
C PRO A 115 -38.13 -6.01 -24.29
N PRO A 116 -39.02 -6.60 -25.10
CA PRO A 116 -38.63 -7.76 -25.91
C PRO A 116 -37.47 -7.50 -26.85
N ALA A 117 -37.32 -6.26 -27.35
CA ALA A 117 -36.14 -5.95 -28.17
C ALA A 117 -34.86 -6.03 -27.35
N GLY A 118 -34.90 -5.51 -26.11
CA GLY A 118 -33.73 -5.62 -25.25
C GLY A 118 -33.40 -7.06 -24.89
N LEU A 119 -34.44 -7.85 -24.60
CA LEU A 119 -34.22 -9.26 -24.33
C LEU A 119 -33.65 -9.96 -25.56
N ALA A 120 -34.13 -9.60 -26.75
CA ALA A 120 -33.60 -10.18 -27.97
C ALA A 120 -32.14 -9.85 -28.16
N GLN A 121 -31.75 -8.60 -27.86
CA GLN A 121 -30.34 -8.24 -27.97
C GLN A 121 -29.50 -9.00 -26.96
N ILE A 122 -30.01 -9.16 -25.73
CA ILE A 122 -29.29 -9.92 -24.72
C ILE A 122 -29.10 -11.37 -25.16
N ILE A 123 -30.17 -11.98 -25.67
CA ILE A 123 -30.09 -13.36 -26.12
C ILE A 123 -29.15 -13.50 -27.31
N LEU A 124 -29.14 -12.50 -28.20
CA LEU A 124 -28.25 -12.54 -29.34
C LEU A 124 -26.79 -12.49 -28.90
N LEU A 125 -26.48 -11.59 -27.96
CA LEU A 125 -25.11 -11.51 -27.46
C LEU A 125 -24.70 -12.79 -26.75
N CYS A 126 -25.59 -13.33 -25.93
CA CYS A 126 -25.29 -14.56 -25.20
C CYS A 126 -25.08 -15.73 -26.16
N GLY A 127 -25.92 -15.83 -27.18
CA GLY A 127 -25.74 -16.89 -28.17
C GLY A 127 -24.45 -16.74 -28.94
N PHE A 128 -24.11 -15.51 -29.32
CA PHE A 128 -22.87 -15.29 -30.05
C PHE A 128 -21.67 -15.70 -29.21
N VAL A 129 -21.62 -15.26 -27.95
CA VAL A 129 -20.46 -15.62 -27.13
C VAL A 129 -20.43 -17.13 -26.88
N GLU A 130 -21.59 -17.72 -26.56
CA GLU A 130 -21.63 -19.13 -26.18
C GLU A 130 -21.57 -20.08 -27.35
N LEU A 131 -21.63 -19.58 -28.58
CA LEU A 131 -21.40 -20.42 -29.75
C LEU A 131 -20.07 -20.16 -30.44
N ALA A 132 -19.50 -18.96 -30.28
CA ALA A 132 -18.26 -18.63 -30.97
C ALA A 132 -17.13 -18.31 -29.99
N TRP A 133 -17.33 -17.37 -29.07
CA TRP A 133 -16.24 -16.88 -28.25
C TRP A 133 -15.94 -17.79 -27.07
N TRP A 134 -16.98 -18.23 -26.37
CA TRP A 134 -16.88 -19.21 -25.29
C TRP A 134 -17.84 -20.34 -25.63
N PRO A 135 -17.51 -21.17 -26.61
CA PRO A 135 -18.45 -22.21 -27.04
C PRO A 135 -18.77 -23.16 -25.89
N ALA A 136 -20.06 -23.45 -25.73
CA ALA A 136 -20.48 -24.34 -24.65
C ALA A 136 -20.10 -25.79 -24.90
N SER A 137 -19.80 -26.16 -26.14
CA SER A 137 -19.35 -27.51 -26.44
C SER A 137 -17.99 -27.84 -25.84
N ASN A 138 -17.24 -26.82 -25.42
CA ASN A 138 -15.94 -27.03 -24.80
C ASN A 138 -16.17 -27.56 -23.39
N LEU A 139 -16.21 -28.89 -23.27
CA LEU A 139 -16.48 -29.51 -21.98
C LEU A 139 -15.37 -29.27 -20.98
N SER A 140 -14.17 -28.91 -21.44
CA SER A 140 -13.10 -28.56 -20.51
C SER A 140 -13.39 -27.25 -19.79
N GLY A 141 -14.22 -26.39 -20.37
CA GLY A 141 -14.54 -25.11 -19.76
C GLY A 141 -13.42 -24.11 -19.78
N ASP A 142 -12.32 -24.40 -20.45
CA ASP A 142 -11.15 -23.53 -20.50
C ASP A 142 -11.15 -22.79 -21.82
N TYR A 143 -11.12 -21.46 -21.76
CA TYR A 143 -11.18 -20.62 -22.95
C TYR A 143 -9.99 -19.68 -23.05
N GLY A 144 -8.91 -19.97 -22.32
CA GLY A 144 -7.71 -19.17 -22.41
C GLY A 144 -7.72 -17.90 -21.61
N VAL A 145 -8.68 -17.72 -20.70
CA VAL A 145 -8.74 -16.52 -19.87
C VAL A 145 -7.67 -16.65 -18.79
N ARG A 146 -6.54 -15.98 -18.99
CA ARG A 146 -5.43 -15.99 -18.04
C ARG A 146 -5.19 -14.58 -17.54
N LEU A 147 -5.05 -14.44 -16.23
CA LEU A 147 -4.84 -13.14 -15.60
C LEU A 147 -3.37 -12.87 -15.30
N GLY A 148 -2.47 -13.36 -16.14
CA GLY A 148 -1.05 -13.11 -15.96
C GLY A 148 -0.47 -13.68 -14.69
N THR A 149 0.12 -12.81 -13.86
CA THR A 149 0.73 -13.27 -12.61
C THR A 149 -0.28 -13.77 -11.61
N LEU A 150 -1.56 -13.41 -11.75
CA LEU A 150 -2.59 -13.95 -10.88
C LEU A 150 -2.85 -15.42 -11.14
N ASN A 151 -2.37 -15.95 -12.26
CA ASN A 151 -2.49 -17.36 -12.63
C ASN A 151 -1.13 -17.93 -12.94
N ASP A 152 -0.17 -17.68 -12.06
CA ASP A 152 1.21 -18.12 -12.25
C ASP A 152 1.27 -19.63 -12.00
N TRP A 153 0.63 -20.38 -12.89
CA TRP A 153 0.47 -21.82 -12.73
C TRP A 153 1.66 -22.63 -13.21
N GLU A 154 2.54 -22.05 -14.02
CA GLU A 154 3.73 -22.78 -14.45
C GLU A 154 4.71 -23.01 -13.31
N GLU A 155 4.66 -22.19 -12.27
CA GLU A 155 5.52 -22.37 -11.11
C GLU A 155 4.76 -22.47 -9.80
N GLN A 156 3.44 -22.24 -9.80
CA GLN A 156 2.61 -22.39 -8.61
C GLN A 156 1.40 -23.23 -8.96
N PRO A 157 1.57 -24.54 -9.13
CA PRO A 157 0.40 -25.40 -9.38
C PRO A 157 -0.61 -25.38 -8.25
N ALA A 158 -0.14 -25.14 -7.01
CA ALA A 158 -1.05 -25.00 -5.89
C ALA A 158 -2.06 -23.90 -6.13
N LYS A 159 -1.63 -22.79 -6.75
CA LYS A 159 -2.58 -21.75 -7.13
C LYS A 159 -3.61 -22.27 -8.11
N TYR A 160 -3.19 -23.08 -9.08
CA TYR A 160 -4.14 -23.63 -10.05
C TYR A 160 -5.20 -24.47 -9.35
N TYR A 161 -4.77 -25.39 -8.49
CA TYR A 161 -5.71 -26.23 -7.78
C TYR A 161 -6.64 -25.40 -6.90
N ARG A 162 -6.08 -24.43 -6.17
CA ARG A 162 -6.88 -23.60 -5.29
C ARG A 162 -7.91 -22.81 -6.07
N GLN A 163 -7.52 -22.23 -7.20
CA GLN A 163 -8.45 -21.41 -7.97
C GLN A 163 -9.53 -22.26 -8.62
N LYS A 164 -9.18 -23.44 -9.14
CA LYS A 164 -10.20 -24.31 -9.71
C LYS A 164 -11.20 -24.74 -8.64
N ASN A 165 -10.71 -25.16 -7.47
CA ASN A 165 -11.61 -25.57 -6.40
C ASN A 165 -12.46 -24.41 -5.91
N ALA A 166 -11.87 -23.21 -5.80
CA ALA A 166 -12.61 -22.05 -5.36
C ALA A 166 -13.70 -21.69 -6.35
N GLU A 167 -13.39 -21.76 -7.65
CA GLU A 167 -14.39 -21.48 -8.66
C GLU A 167 -15.55 -22.47 -8.56
N LEU A 168 -15.24 -23.76 -8.44
CA LEU A 168 -16.30 -24.76 -8.36
C LEU A 168 -17.14 -24.59 -7.10
N ASN A 169 -16.49 -24.38 -5.95
CA ASN A 169 -17.24 -24.27 -4.70
C ASN A 169 -18.07 -23.00 -4.67
N ASN A 170 -17.53 -21.89 -5.18
CA ASN A 170 -18.32 -20.68 -5.27
C ASN A 170 -19.49 -20.84 -6.21
N GLY A 171 -19.29 -21.58 -7.30
CA GLY A 171 -20.41 -21.87 -8.18
C GLY A 171 -21.50 -22.68 -7.51
N ARG A 172 -21.10 -23.69 -6.72
CA ARG A 172 -22.08 -24.49 -5.99
C ARG A 172 -22.83 -23.64 -4.97
N ALA A 173 -22.09 -22.83 -4.21
CA ALA A 173 -22.73 -21.96 -3.23
C ALA A 173 -23.66 -20.96 -3.90
N ALA A 174 -23.27 -20.44 -5.07
CA ALA A 174 -24.12 -19.49 -5.78
C ALA A 174 -25.35 -20.17 -6.36
N MET A 175 -25.22 -21.42 -6.81
CA MET A 175 -26.39 -22.16 -7.27
C MET A 175 -27.39 -22.34 -6.14
N MET A 176 -26.90 -22.74 -4.97
CA MET A 176 -27.80 -22.87 -3.82
C MET A 176 -28.40 -21.52 -3.43
N GLY A 177 -27.60 -20.45 -3.51
CA GLY A 177 -28.11 -19.14 -3.15
C GLY A 177 -29.17 -18.62 -4.10
N ILE A 178 -28.98 -18.83 -5.41
CA ILE A 178 -29.97 -18.36 -6.37
C ILE A 178 -31.24 -19.20 -6.28
N LEU A 179 -31.10 -20.51 -6.03
CA LEU A 179 -32.29 -21.32 -5.79
C LEU A 179 -33.03 -20.84 -4.55
N GLY A 180 -32.30 -20.52 -3.49
CA GLY A 180 -32.94 -20.01 -2.28
C GLY A 180 -33.61 -18.67 -2.51
N THR A 181 -32.99 -17.79 -3.30
CA THR A 181 -33.58 -16.50 -3.61
C THR A 181 -34.88 -16.67 -4.39
N PHE A 182 -34.87 -17.54 -5.38
CA PHE A 182 -36.08 -17.81 -6.15
C PHE A 182 -37.18 -18.38 -5.24
N THR A 183 -36.80 -19.29 -4.35
CA THR A 183 -37.78 -19.88 -3.43
C THR A 183 -38.35 -18.82 -2.50
N HIS A 184 -37.51 -17.92 -2.00
CA HIS A 184 -37.98 -16.84 -1.14
C HIS A 184 -38.99 -15.96 -1.87
N GLU A 185 -38.66 -15.55 -3.09
CA GLU A 185 -39.58 -14.69 -3.81
C GLU A 185 -40.88 -15.41 -4.15
N VAL A 186 -40.82 -16.71 -4.40
CA VAL A 186 -42.05 -17.45 -4.68
C VAL A 186 -42.91 -17.58 -3.43
N ILE A 187 -42.31 -17.94 -2.30
CA ILE A 187 -43.11 -18.23 -1.11
C ILE A 187 -43.55 -16.98 -0.37
N THR A 188 -42.80 -15.88 -0.45
CA THR A 188 -43.16 -14.65 0.21
C THR A 188 -43.82 -13.62 -0.69
N GLY A 189 -43.58 -13.71 -2.00
CA GLY A 189 -44.15 -12.77 -2.93
C GLY A 189 -43.43 -11.44 -3.03
N GLN A 190 -42.36 -11.24 -2.26
CA GLN A 190 -41.62 -9.99 -2.25
C GLN A 190 -40.15 -10.27 -2.49
N ASN A 191 -39.48 -9.32 -3.13
CA ASN A 191 -38.08 -9.52 -3.52
C ASN A 191 -37.18 -9.47 -2.29
N PHE A 192 -35.90 -9.79 -2.50
CA PHE A 192 -34.95 -9.82 -1.39
C PHE A 192 -34.73 -8.43 -0.80
N ALA A 193 -34.89 -7.38 -1.61
CA ALA A 193 -34.69 -6.03 -1.09
C ALA A 193 -35.72 -5.68 -0.03
N GLU A 194 -36.99 -6.03 -0.25
CA GLU A 194 -38.04 -5.70 0.69
C GLU A 194 -38.41 -6.86 1.60
N GLN A 195 -37.89 -8.06 1.36
CA GLN A 195 -38.07 -9.14 2.32
C GLN A 195 -37.29 -8.88 3.59
N ALA A 196 -36.10 -8.27 3.47
CA ALA A 196 -35.27 -7.93 4.61
C ALA A 196 -35.70 -6.62 5.26
N ALA A 197 -36.68 -5.92 4.70
CA ALA A 197 -37.16 -4.67 5.28
C ALA A 197 -38.41 -4.89 6.13
N GLU B 32 4.74 -11.55 -35.96
CA GLU B 32 5.16 -12.84 -36.48
C GLU B 32 4.14 -13.38 -37.48
N ILE B 33 4.53 -14.40 -38.23
CA ILE B 33 3.66 -14.94 -39.27
C ILE B 33 2.39 -15.54 -38.66
N GLU B 34 2.55 -16.31 -37.58
CA GLU B 34 1.40 -16.97 -36.98
C GLU B 34 0.54 -16.03 -36.15
N LEU B 35 1.04 -14.84 -35.82
CA LEU B 35 0.24 -13.88 -35.08
C LEU B 35 -0.86 -13.31 -35.96
N GLY B 36 -2.03 -13.08 -35.36
CA GLY B 36 -3.18 -12.60 -36.11
C GLY B 36 -3.96 -13.68 -36.81
N VAL B 37 -3.53 -14.93 -36.73
CA VAL B 37 -4.26 -16.05 -37.32
C VAL B 37 -5.18 -16.63 -36.25
N THR B 38 -6.49 -16.50 -36.46
CA THR B 38 -7.46 -16.88 -35.45
C THR B 38 -8.71 -17.40 -36.14
N GLU B 39 -9.46 -18.25 -35.43
CA GLU B 39 -10.74 -18.69 -35.92
C GLU B 39 -11.72 -17.52 -35.98
N PRO B 40 -12.70 -17.57 -36.90
CA PRO B 40 -12.98 -18.65 -37.85
C PRO B 40 -12.25 -18.53 -39.18
N LEU B 41 -11.46 -17.47 -39.35
CA LEU B 41 -10.86 -17.19 -40.64
C LEU B 41 -9.49 -17.85 -40.81
N GLY B 42 -8.72 -17.96 -39.74
CA GLY B 42 -7.37 -18.49 -39.88
C GLY B 42 -6.49 -17.52 -40.65
N VAL B 43 -5.62 -18.07 -41.49
CA VAL B 43 -4.75 -17.25 -42.32
C VAL B 43 -5.59 -16.65 -43.44
N TYR B 44 -5.99 -15.39 -43.28
CA TYR B 44 -6.90 -14.73 -44.22
C TYR B 44 -6.11 -13.74 -45.06
N ASP B 45 -5.72 -14.17 -46.26
CA ASP B 45 -5.00 -13.32 -47.21
C ASP B 45 -5.72 -13.41 -48.54
N PRO B 46 -6.87 -12.74 -48.67
CA PRO B 46 -7.64 -12.84 -49.92
C PRO B 46 -6.89 -12.31 -51.14
N LEU B 47 -6.06 -11.28 -50.97
CA LEU B 47 -5.33 -10.69 -52.08
C LEU B 47 -3.94 -11.32 -52.26
N GLY B 48 -3.60 -12.32 -51.47
CA GLY B 48 -2.40 -13.11 -51.69
C GLY B 48 -1.09 -12.37 -51.55
N TRP B 49 -0.93 -11.59 -50.49
CA TRP B 49 0.31 -10.86 -50.24
C TRP B 49 1.19 -11.53 -49.20
N LEU B 50 0.90 -12.77 -48.83
CA LEU B 50 1.76 -13.54 -47.94
C LEU B 50 2.68 -14.48 -48.69
N GLU B 51 2.15 -15.26 -49.63
CA GLU B 51 3.02 -16.10 -50.45
C GLU B 51 3.77 -15.27 -51.48
N SER B 52 3.20 -14.16 -51.91
CA SER B 52 3.89 -13.20 -52.76
C SER B 52 4.38 -12.04 -51.92
N GLU B 53 5.48 -11.43 -52.35
CA GLU B 53 6.21 -10.39 -51.63
C GLU B 53 6.21 -10.63 -50.11
N PRO B 54 6.81 -11.73 -49.64
CA PRO B 54 6.81 -12.00 -48.20
C PRO B 54 7.80 -11.16 -47.40
N GLU B 55 8.72 -10.46 -48.06
CA GLU B 55 9.70 -9.66 -47.34
C GLU B 55 9.09 -8.39 -46.77
N ALA B 56 7.95 -7.95 -47.31
CA ALA B 56 7.28 -6.75 -46.81
C ALA B 56 6.31 -7.04 -45.68
N PHE B 57 6.17 -8.31 -45.28
CA PHE B 57 5.22 -8.66 -44.23
C PHE B 57 5.60 -8.03 -42.90
N GLU B 58 6.89 -7.91 -42.60
CA GLU B 58 7.29 -7.31 -41.33
C GLU B 58 6.78 -5.89 -41.21
N ARG B 59 7.02 -5.06 -42.23
CA ARG B 59 6.54 -3.69 -42.19
C ARG B 59 5.02 -3.64 -42.27
N ARG B 60 4.39 -4.50 -43.05
CA ARG B 60 2.94 -4.47 -43.14
C ARG B 60 2.29 -4.81 -41.79
N ARG B 61 2.84 -5.80 -41.09
CA ARG B 61 2.34 -6.13 -39.76
C ARG B 61 2.63 -5.02 -38.77
N ALA B 62 3.78 -4.36 -38.89
CA ALA B 62 4.05 -3.20 -38.04
C ALA B 62 3.03 -2.11 -38.26
N VAL B 63 2.72 -1.83 -39.52
CA VAL B 63 1.72 -0.81 -39.85
C VAL B 63 0.34 -1.22 -39.34
N GLU B 64 -0.02 -2.49 -39.51
CA GLU B 64 -1.32 -2.95 -39.03
C GLU B 64 -1.42 -2.84 -37.52
N ARG B 65 -0.37 -3.24 -36.79
CA ARG B 65 -0.39 -3.14 -35.33
C ARG B 65 -0.44 -1.69 -34.88
N LYS B 66 0.32 -0.82 -35.53
CA LYS B 66 0.30 0.60 -35.20
C LYS B 66 -1.09 1.18 -35.40
N HIS B 67 -1.72 0.88 -36.54
CA HIS B 67 -3.06 1.37 -36.81
C HIS B 67 -4.06 0.78 -35.82
N GLY B 68 -3.89 -0.47 -35.44
CA GLY B 68 -4.78 -1.06 -34.46
C GLY B 68 -4.71 -0.36 -33.12
N ARG B 69 -3.50 -0.10 -32.64
CA ARG B 69 -3.34 0.61 -31.38
C ARG B 69 -3.93 2.02 -31.46
N VAL B 70 -3.63 2.73 -32.56
CA VAL B 70 -4.14 4.09 -32.71
C VAL B 70 -5.66 4.09 -32.78
N ALA B 71 -6.25 3.12 -33.48
CA ALA B 71 -7.70 3.09 -33.62
C ALA B 71 -8.38 2.67 -32.34
N MET B 72 -7.77 1.78 -31.56
CA MET B 72 -8.32 1.44 -30.24
C MET B 72 -8.33 2.67 -29.35
N ALA B 73 -7.23 3.43 -29.35
CA ALA B 73 -7.20 4.68 -28.59
C ALA B 73 -8.26 5.64 -29.09
N ALA B 74 -8.45 5.73 -30.41
CA ALA B 74 -9.43 6.64 -30.97
C ALA B 74 -10.85 6.25 -30.59
N VAL B 75 -11.16 4.95 -30.60
CA VAL B 75 -12.50 4.49 -30.23
C VAL B 75 -12.77 4.79 -28.76
N VAL B 76 -11.79 4.52 -27.90
CA VAL B 76 -11.97 4.87 -26.49
C VAL B 76 -12.17 6.36 -26.34
N GLY B 77 -11.41 7.16 -27.09
CA GLY B 77 -11.58 8.60 -27.03
C GLY B 77 -12.96 9.05 -27.43
N THR B 78 -13.49 8.47 -28.51
CA THR B 78 -14.84 8.83 -28.94
C THR B 78 -15.87 8.46 -27.89
N ILE B 79 -15.72 7.27 -27.28
CA ILE B 79 -16.66 6.84 -26.25
C ILE B 79 -16.61 7.81 -25.06
N VAL B 80 -15.41 8.24 -24.69
CA VAL B 80 -15.25 9.19 -23.59
C VAL B 80 -15.89 10.52 -23.96
N HIS B 81 -15.68 10.97 -25.20
CA HIS B 81 -16.21 12.25 -25.64
C HIS B 81 -17.72 12.28 -25.59
N ASN B 82 -18.36 11.28 -26.19
CA ASN B 82 -19.82 11.31 -26.31
C ASN B 82 -20.52 10.98 -25.01
N ASN B 83 -19.80 10.48 -24.01
CA ASN B 83 -20.34 10.36 -22.66
C ASN B 83 -20.06 11.60 -21.83
N HIS B 84 -19.46 12.63 -22.43
CA HIS B 84 -19.24 13.93 -21.81
C HIS B 84 -18.35 13.85 -20.58
N ILE B 85 -17.35 12.97 -20.60
CA ILE B 85 -16.28 13.01 -19.61
C ILE B 85 -15.26 14.02 -20.13
N VAL B 86 -15.28 15.23 -19.57
CA VAL B 86 -14.41 16.31 -20.03
C VAL B 86 -13.71 16.92 -18.84
N PHE B 87 -12.56 17.54 -19.10
CA PHE B 87 -11.84 18.26 -18.07
C PHE B 87 -12.55 19.56 -17.75
N ASP B 88 -12.50 19.96 -16.48
CA ASP B 88 -13.10 21.20 -16.03
C ASP B 88 -12.06 22.31 -16.12
N GLY B 89 -12.34 23.32 -16.94
CA GLY B 89 -11.46 24.45 -17.08
C GLY B 89 -11.41 24.91 -18.52
N TYR B 90 -10.32 25.59 -18.87
CA TYR B 90 -10.12 26.14 -20.20
C TYR B 90 -8.98 25.41 -20.89
N LEU B 91 -9.24 24.92 -22.10
CA LEU B 91 -8.16 24.37 -22.92
C LEU B 91 -7.18 25.47 -23.33
N SER B 92 -7.72 26.63 -23.72
CA SER B 92 -6.89 27.78 -24.11
C SER B 92 -7.54 29.03 -23.54
N PRO B 93 -7.11 29.46 -22.36
CA PRO B 93 -7.66 30.71 -21.79
C PRO B 93 -7.45 31.92 -22.68
N SER B 94 -6.32 31.98 -23.40
CA SER B 94 -6.09 33.10 -24.30
C SER B 94 -7.11 33.15 -25.43
N ASN B 95 -7.57 31.98 -25.89
CA ASN B 95 -8.59 31.91 -26.93
C ASN B 95 -10.00 31.80 -26.36
N ASN B 96 -10.16 31.88 -25.04
CA ASN B 96 -11.46 31.75 -24.39
C ASN B 96 -12.13 30.45 -24.77
N LEU B 97 -11.33 29.36 -24.79
CA LEU B 97 -11.78 28.05 -25.22
C LEU B 97 -11.76 27.11 -24.02
N LYS B 98 -12.91 26.48 -23.75
CA LYS B 98 -13.03 25.52 -22.67
C LYS B 98 -13.03 24.11 -23.24
N PHE B 99 -12.74 23.13 -22.37
CA PHE B 99 -12.84 21.74 -22.78
C PHE B 99 -14.27 21.37 -23.14
N SER B 100 -15.26 22.04 -22.54
CA SER B 100 -16.64 21.79 -22.87
C SER B 100 -16.99 22.32 -24.26
N ASP B 101 -16.28 23.36 -24.71
CA ASP B 101 -16.55 23.93 -26.02
C ASP B 101 -16.03 23.06 -27.17
N ILE B 102 -15.16 22.11 -26.88
CA ILE B 102 -14.62 21.23 -27.93
C ILE B 102 -15.70 20.26 -28.37
N PRO B 103 -16.02 20.17 -29.66
CA PRO B 103 -17.02 19.20 -30.11
C PRO B 103 -16.58 17.78 -29.80
N THR B 104 -17.57 16.93 -29.48
CA THR B 104 -17.28 15.55 -29.13
C THR B 104 -17.12 14.65 -30.35
N GLY B 105 -17.36 15.16 -31.55
CA GLY B 105 -17.28 14.39 -32.77
C GLY B 105 -15.97 14.59 -33.50
N VAL B 106 -16.04 14.45 -34.83
CA VAL B 106 -14.85 14.59 -35.67
C VAL B 106 -14.36 16.03 -35.75
N ASP B 107 -15.18 17.01 -35.38
CA ASP B 107 -14.78 18.41 -35.39
C ASP B 107 -14.04 18.82 -34.13
N GLY B 108 -13.87 17.92 -33.17
CA GLY B 108 -13.17 18.26 -31.95
C GLY B 108 -11.70 18.57 -32.16
N ILE B 109 -11.05 17.84 -33.07
CA ILE B 109 -9.64 18.09 -33.33
C ILE B 109 -9.44 19.41 -34.05
N ARG B 110 -10.45 19.88 -34.79
CA ARG B 110 -10.34 21.16 -35.49
C ARG B 110 -10.49 22.34 -34.56
N ALA B 111 -11.09 22.16 -33.38
CA ALA B 111 -11.30 23.26 -32.46
C ALA B 111 -10.05 23.59 -31.64
N ILE B 112 -9.07 22.70 -31.61
CA ILE B 112 -7.84 22.95 -30.85
C ILE B 112 -7.05 24.06 -31.53
N PRO B 113 -6.50 25.02 -30.79
CA PRO B 113 -5.71 26.09 -31.41
C PRO B 113 -4.47 25.54 -32.10
N THR B 114 -3.89 26.39 -32.96
CA THR B 114 -2.70 25.98 -33.70
C THR B 114 -1.54 25.68 -32.77
N ALA B 115 -1.37 26.48 -31.71
CA ALA B 115 -0.30 26.22 -30.76
C ALA B 115 -0.51 24.89 -30.05
N GLY B 116 -1.74 24.56 -29.71
CA GLY B 116 -2.01 23.27 -29.11
C GLY B 116 -1.66 22.11 -30.03
N LEU B 117 -2.03 22.22 -31.30
CA LEU B 117 -1.67 21.20 -32.27
C LEU B 117 -0.17 21.10 -32.43
N ALA B 118 0.53 22.24 -32.41
CA ALA B 118 1.99 22.21 -32.50
C ALA B 118 2.61 21.50 -31.31
N GLN B 119 2.07 21.73 -30.11
CA GLN B 119 2.57 21.04 -28.93
C GLN B 119 2.30 19.54 -29.01
N ILE B 120 1.11 19.16 -29.49
CA ILE B 120 0.80 17.75 -29.68
C ILE B 120 1.81 17.12 -30.66
N LEU B 121 2.05 17.81 -31.77
CA LEU B 121 2.95 17.28 -32.79
C LEU B 121 4.37 17.15 -32.26
N ALA B 122 4.83 18.14 -31.48
CA ALA B 122 6.19 18.06 -30.94
C ALA B 122 6.32 16.91 -29.95
N PHE B 123 5.37 16.80 -29.02
CA PHE B 123 5.45 15.72 -28.05
C PHE B 123 5.41 14.36 -28.73
N PHE B 124 4.53 14.19 -29.71
CA PHE B 124 4.45 12.89 -30.35
C PHE B 124 5.56 12.66 -31.38
N ALA B 125 6.21 13.71 -31.85
CA ALA B 125 7.46 13.52 -32.58
C ALA B 125 8.51 12.93 -31.66
N LEU B 126 8.58 13.42 -30.43
CA LEU B 126 9.47 12.81 -29.45
C LEU B 126 9.09 11.35 -29.21
N VAL B 127 7.81 11.10 -28.91
CA VAL B 127 7.33 9.75 -28.59
C VAL B 127 7.25 8.84 -29.82
N GLU B 128 7.54 9.35 -31.00
CA GLU B 128 7.50 8.54 -32.21
C GLU B 128 8.86 8.33 -32.85
N LEU B 129 9.81 9.23 -32.62
CA LEU B 129 11.17 9.09 -33.14
C LEU B 129 12.17 8.68 -32.08
N ALA B 130 12.09 9.28 -30.89
CA ALA B 130 13.06 9.00 -29.83
C ALA B 130 12.60 7.85 -28.93
N TRP B 131 11.48 8.03 -28.25
CA TRP B 131 10.87 6.97 -27.47
C TRP B 131 9.94 6.18 -28.38
N MET B 132 9.88 4.87 -28.16
CA MET B 132 9.00 3.98 -28.91
C MET B 132 9.06 4.27 -30.41
N PRO B 133 10.22 4.12 -31.04
CA PRO B 133 10.36 4.54 -32.45
C PRO B 133 9.42 3.76 -33.35
N ALA B 134 8.83 4.47 -34.31
CA ALA B 134 7.96 3.80 -35.28
C ALA B 134 8.75 2.92 -36.23
N SER B 135 10.07 3.12 -36.35
CA SER B 135 10.89 2.28 -37.20
C SER B 135 11.13 0.90 -36.59
N LYS B 136 10.80 0.71 -35.32
CA LYS B 136 10.92 -0.59 -34.67
C LYS B 136 9.69 -1.40 -35.01
N TYR B 137 9.82 -2.31 -35.98
CA TYR B 137 8.66 -2.96 -36.59
C TYR B 137 8.10 -4.08 -35.75
N ASP B 138 8.84 -4.61 -34.78
CA ASP B 138 8.30 -5.69 -33.97
C ASP B 138 7.29 -5.20 -32.94
N GLY B 139 7.29 -3.91 -32.63
CA GLY B 139 6.37 -3.35 -31.67
C GLY B 139 6.75 -3.57 -30.23
N ASP B 140 7.88 -4.22 -29.96
CA ASP B 140 8.30 -4.53 -28.60
C ASP B 140 9.13 -3.36 -28.09
N TYR B 141 8.47 -2.41 -27.44
CA TYR B 141 9.13 -1.21 -26.94
C TYR B 141 9.60 -1.36 -25.51
N GLY B 142 9.55 -2.57 -24.95
CA GLY B 142 10.02 -2.82 -23.60
C GLY B 142 9.01 -2.57 -22.52
N VAL B 143 7.83 -2.05 -22.86
CA VAL B 143 6.80 -1.84 -21.85
C VAL B 143 6.09 -3.14 -21.50
N GLY B 144 6.09 -4.10 -22.42
CA GLY B 144 5.42 -5.36 -22.14
C GLY B 144 3.91 -5.20 -22.06
N TYR B 145 3.27 -6.20 -21.47
CA TYR B 145 1.84 -6.18 -21.24
C TYR B 145 1.59 -5.80 -19.79
N PHE B 146 1.12 -4.58 -19.56
CA PHE B 146 0.95 -4.03 -18.22
C PHE B 146 2.25 -4.10 -17.42
N GLY B 147 3.35 -3.74 -18.07
CA GLY B 147 4.62 -3.60 -17.40
C GLY B 147 5.41 -4.88 -17.21
N THR B 148 4.89 -6.01 -17.67
CA THR B 148 5.55 -7.29 -17.45
C THR B 148 5.51 -8.12 -18.72
N ASP B 149 6.44 -9.06 -18.81
CA ASP B 149 6.52 -9.99 -19.93
C ASP B 149 5.65 -11.20 -19.64
N ILE B 150 4.92 -11.66 -20.66
CA ILE B 150 4.10 -12.86 -20.54
C ILE B 150 5.01 -14.07 -20.69
N LYS B 151 5.24 -14.78 -19.58
CA LYS B 151 6.19 -15.89 -19.60
C LYS B 151 5.68 -17.05 -20.46
N ASP B 152 4.40 -17.35 -20.39
CA ASP B 152 3.85 -18.46 -21.15
C ASP B 152 3.79 -18.09 -22.63
N PRO B 153 4.48 -18.80 -23.51
CA PRO B 153 4.41 -18.46 -24.94
C PRO B 153 3.01 -18.57 -25.53
N GLU B 154 2.22 -19.55 -25.08
CA GLU B 154 0.86 -19.69 -25.59
C GLU B 154 -0.01 -18.51 -25.15
N GLU B 155 0.09 -18.12 -23.89
CA GLU B 155 -0.66 -16.96 -23.42
C GLU B 155 -0.21 -15.68 -24.11
N LYS B 156 1.10 -15.54 -24.32
CA LYS B 156 1.61 -14.36 -25.02
C LYS B 156 1.10 -14.30 -26.44
N ALA B 157 1.11 -15.43 -27.15
CA ALA B 157 0.58 -15.47 -28.50
C ALA B 157 -0.91 -15.17 -28.53
N ARG B 158 -1.65 -15.72 -27.56
CA ARG B 158 -3.09 -15.46 -27.50
C ARG B 158 -3.37 -13.98 -27.27
N LYS B 159 -2.62 -13.34 -26.38
CA LYS B 159 -2.87 -11.92 -26.12
C LYS B 159 -2.38 -11.04 -27.25
N LEU B 160 -1.33 -11.43 -27.97
CA LEU B 160 -0.94 -10.70 -29.17
C LEU B 160 -2.03 -10.81 -30.24
N ASN B 161 -2.62 -11.99 -30.40
CA ASN B 161 -3.73 -12.14 -31.33
C ASN B 161 -4.93 -11.32 -30.88
N VAL B 162 -5.17 -11.25 -29.57
CA VAL B 162 -6.24 -10.41 -29.04
C VAL B 162 -5.99 -8.96 -29.40
N GLU B 163 -4.74 -8.50 -29.24
CA GLU B 163 -4.41 -7.13 -29.60
C GLU B 163 -4.66 -6.87 -31.07
N LEU B 164 -4.24 -7.80 -31.94
CA LEU B 164 -4.42 -7.60 -33.38
C LEU B 164 -5.89 -7.58 -33.76
N ASN B 165 -6.67 -8.52 -33.22
CA ASN B 165 -8.10 -8.58 -33.57
C ASN B 165 -8.85 -7.37 -33.03
N ASN B 166 -8.52 -6.93 -31.81
CA ASN B 166 -9.14 -5.73 -31.27
C ASN B 166 -8.73 -4.50 -32.06
N GLY B 167 -7.49 -4.46 -32.54
CA GLY B 167 -7.09 -3.36 -33.39
C GLY B 167 -7.85 -3.32 -34.70
N ARG B 168 -8.06 -4.50 -35.30
CA ARG B 168 -8.85 -4.56 -36.53
C ARG B 168 -10.29 -4.13 -36.29
N ALA B 169 -10.89 -4.64 -35.21
CA ALA B 169 -12.25 -4.26 -34.86
C ALA B 169 -12.36 -2.77 -34.61
N ALA B 170 -11.37 -2.19 -33.94
CA ALA B 170 -11.41 -0.77 -33.63
C ALA B 170 -11.15 0.08 -34.87
N MET B 171 -10.32 -0.41 -35.80
CA MET B 171 -10.16 0.29 -37.07
C MET B 171 -11.48 0.38 -37.81
N MET B 172 -12.15 -0.78 -37.95
CA MET B 172 -13.46 -0.78 -38.61
C MET B 172 -14.45 0.09 -37.84
N GLY B 173 -14.42 0.03 -36.51
CA GLY B 173 -15.37 0.78 -35.71
C GLY B 173 -15.16 2.29 -35.80
N ILE B 174 -13.91 2.73 -35.77
CA ILE B 174 -13.65 4.17 -35.84
C ILE B 174 -13.99 4.69 -37.24
N MET B 175 -13.70 3.91 -38.28
CA MET B 175 -14.10 4.35 -39.61
C MET B 175 -15.62 4.41 -39.74
N GLY B 176 -16.33 3.42 -39.18
CA GLY B 176 -17.77 3.45 -39.21
C GLY B 176 -18.36 4.61 -38.43
N ASN B 177 -17.78 4.90 -37.26
CA ASN B 177 -18.23 6.03 -36.46
C ASN B 177 -18.03 7.35 -37.21
N MET B 178 -16.87 7.51 -37.84
CA MET B 178 -16.61 8.73 -38.60
C MET B 178 -17.58 8.87 -39.76
N VAL B 179 -17.81 7.79 -40.50
CA VAL B 179 -18.70 7.87 -41.65
C VAL B 179 -20.13 8.13 -41.21
N ALA B 180 -20.55 7.51 -40.09
CA ALA B 180 -21.89 7.74 -39.56
C ALA B 180 -22.06 9.20 -39.14
N GLU B 181 -21.06 9.76 -38.47
CA GLU B 181 -21.16 11.16 -38.07
C GLU B 181 -21.18 12.09 -39.28
N VAL B 182 -20.35 11.81 -40.28
CA VAL B 182 -20.30 12.67 -41.46
C VAL B 182 -21.63 12.62 -42.21
N LEU B 183 -22.19 11.43 -42.40
CA LEU B 183 -23.44 11.32 -43.14
C LEU B 183 -24.61 11.89 -42.35
N THR B 184 -24.73 11.52 -41.07
CA THR B 184 -25.83 12.01 -40.25
C THR B 184 -25.64 13.46 -39.84
N GLY B 185 -24.42 13.97 -39.85
CA GLY B 185 -24.19 15.34 -39.46
C GLY B 185 -24.27 15.62 -37.99
N GLN B 186 -24.32 14.57 -37.16
CA GLN B 186 -24.45 14.74 -35.71
C GLN B 186 -23.54 13.74 -35.01
N THR B 187 -23.06 14.14 -33.84
CA THR B 187 -22.14 13.31 -33.08
C THR B 187 -22.85 12.07 -32.57
N MET B 188 -22.06 11.13 -32.02
CA MET B 188 -22.65 9.88 -31.53
C MET B 188 -23.63 10.14 -30.39
N TYR B 189 -23.29 11.08 -29.51
CA TYR B 189 -24.22 11.43 -28.44
C TYR B 189 -25.51 12.01 -29.00
N GLU B 190 -25.40 12.93 -29.97
CA GLU B 190 -26.58 13.49 -30.60
C GLU B 190 -27.34 12.44 -31.39
N GLN B 191 -26.61 11.52 -32.05
CA GLN B 191 -27.26 10.47 -32.81
C GLN B 191 -28.08 9.55 -31.90
N TYR B 192 -27.54 9.20 -30.74
CA TYR B 192 -28.26 8.30 -29.84
C TYR B 192 -29.39 9.02 -29.12
N ALA B 193 -29.15 10.25 -28.66
CA ALA B 193 -30.17 10.97 -27.91
C ALA B 193 -31.38 11.31 -28.76
N SER B 194 -31.17 11.54 -30.05
CA SER B 194 -32.28 11.83 -30.97
C SER B 194 -33.04 10.57 -31.37
N GLY B 195 -32.55 9.39 -31.01
CA GLY B 195 -33.17 8.15 -31.44
C GLY B 195 -32.89 7.77 -32.86
N HIS B 196 -32.01 8.48 -33.55
CA HIS B 196 -31.72 8.23 -34.97
C HIS B 196 -30.70 7.10 -35.05
N ILE B 197 -31.16 5.88 -34.76
CA ILE B 197 -30.33 4.69 -34.84
C ILE B 197 -30.55 3.93 -36.14
N SER B 198 -31.80 3.60 -36.45
CA SER B 198 -32.10 2.89 -37.68
C SER B 198 -32.11 3.87 -38.85
N PRO B 199 -31.29 3.66 -39.88
CA PRO B 199 -31.26 4.56 -41.05
C PRO B 199 -32.35 4.25 -42.07
N PHE B 200 -33.57 4.06 -41.59
CA PHE B 200 -34.70 3.74 -42.46
C PHE B 200 -35.95 4.52 -42.06
N ALA C 30 28.76 -18.76 41.97
CA ALA C 30 28.73 -18.80 40.51
C ALA C 30 28.78 -17.39 39.95
N PHE C 31 28.39 -16.42 40.78
CA PHE C 31 28.37 -15.02 40.37
C PHE C 31 29.05 -14.15 41.42
N GLU C 32 30.24 -14.54 41.83
CA GLU C 32 31.01 -13.79 42.82
C GLU C 32 32.04 -12.91 42.13
N ASN C 33 32.20 -11.69 42.62
CA ASN C 33 33.20 -10.71 42.17
C ASN C 33 33.26 -10.60 40.63
N GLU C 34 32.18 -10.06 40.08
CA GLU C 34 32.13 -9.67 38.68
C GLU C 34 31.69 -8.22 38.51
N LEU C 35 32.31 -7.31 39.27
CA LEU C 35 32.13 -5.85 39.31
C LEU C 35 30.96 -5.42 40.19
N GLY C 36 30.18 -6.35 40.73
CA GLY C 36 29.11 -5.97 41.64
C GLY C 36 29.47 -6.15 43.09
N ALA C 37 30.62 -6.78 43.34
CA ALA C 37 31.07 -7.07 44.69
C ALA C 37 31.85 -5.90 45.27
N GLN C 38 31.57 -5.59 46.52
CA GLN C 38 32.21 -4.49 47.24
C GLN C 38 32.60 -4.96 48.63
N PRO C 39 33.59 -4.31 49.23
CA PRO C 39 34.04 -4.70 50.57
C PRO C 39 32.92 -4.68 51.62
N PRO C 40 32.01 -3.70 51.60
CA PRO C 40 30.92 -3.75 52.60
C PRO C 40 30.07 -4.99 52.46
N LEU C 41 29.52 -5.24 51.27
N LEU C 41 29.52 -5.24 51.27
CA LEU C 41 28.77 -6.45 50.97
CA LEU C 41 28.77 -6.45 50.97
C LEU C 41 29.18 -6.93 49.59
C LEU C 41 29.18 -6.93 49.59
N GLY C 42 29.41 -8.23 49.46
CA GLY C 42 29.89 -8.77 48.21
C GLY C 42 28.76 -9.03 47.25
N PHE C 43 28.67 -10.24 46.73
CA PHE C 43 27.56 -10.58 45.85
C PHE C 43 26.26 -10.51 46.65
N PHE C 44 25.49 -9.45 46.45
CA PHE C 44 24.31 -9.16 47.26
C PHE C 44 23.08 -9.33 46.38
N ASP C 45 22.48 -10.53 46.43
CA ASP C 45 21.24 -10.83 45.71
C ASP C 45 20.26 -11.46 46.69
N PRO C 46 19.65 -10.65 47.56
CA PRO C 46 18.68 -11.21 48.52
C PRO C 46 17.50 -11.89 47.87
N LEU C 47 17.04 -11.41 46.71
CA LEU C 47 15.94 -12.06 46.00
C LEU C 47 16.37 -13.28 45.22
N GLY C 48 17.67 -13.47 45.00
CA GLY C 48 18.13 -14.61 44.22
C GLY C 48 17.65 -14.57 42.79
N LEU C 49 17.59 -13.40 42.18
CA LEU C 49 17.09 -13.26 40.82
C LEU C 49 18.09 -13.74 39.78
N VAL C 50 19.35 -13.93 40.15
CA VAL C 50 20.39 -14.29 39.19
C VAL C 50 21.19 -15.47 39.74
N GLU C 51 20.75 -16.03 40.86
CA GLU C 51 21.45 -17.15 41.48
C GLU C 51 21.45 -18.40 40.62
N ASP C 52 20.56 -18.50 39.63
CA ASP C 52 20.53 -19.69 38.78
C ASP C 52 21.82 -19.84 37.98
N GLY C 53 22.45 -18.73 37.64
CA GLY C 53 23.73 -18.77 36.94
C GLY C 53 23.62 -18.58 35.44
N ASN C 54 22.58 -17.87 35.00
CA ASN C 54 22.39 -17.59 33.59
C ASN C 54 23.17 -16.32 33.24
N GLN C 55 24.16 -16.47 32.34
CA GLN C 55 25.00 -15.33 31.98
C GLN C 55 24.22 -14.28 31.20
N ALA C 56 23.33 -14.72 30.32
CA ALA C 56 22.55 -13.76 29.52
C ALA C 56 21.64 -12.93 30.39
N LYS C 57 20.98 -13.56 31.38
CA LYS C 57 20.12 -12.81 32.27
C LYS C 57 20.91 -11.81 33.10
N PHE C 58 22.08 -12.21 33.58
CA PHE C 58 22.93 -11.29 34.33
C PHE C 58 23.39 -10.14 33.46
N ASP C 59 23.72 -10.42 32.20
CA ASP C 59 24.13 -9.34 31.30
C ASP C 59 22.99 -8.36 31.06
N ARG C 60 21.78 -8.87 30.88
CA ARG C 60 20.63 -7.98 30.71
C ARG C 60 20.38 -7.14 31.95
N LEU C 61 20.46 -7.77 33.13
CA LEU C 61 20.23 -7.05 34.38
C LEU C 61 21.31 -5.99 34.60
N ARG C 62 22.57 -6.32 34.28
CA ARG C 62 23.64 -5.34 34.43
C ARG C 62 23.50 -4.21 33.43
N TYR C 63 23.05 -4.51 32.21
CA TYR C 63 22.79 -3.45 31.26
C TYR C 63 21.71 -2.51 31.78
N VAL C 64 20.63 -3.07 32.31
CA VAL C 64 19.56 -2.24 32.86
C VAL C 64 20.07 -1.43 34.04
N GLU C 65 20.86 -2.05 34.91
CA GLU C 65 21.39 -1.36 36.09
C GLU C 65 22.28 -0.19 35.68
N LEU C 66 23.18 -0.42 34.71
CA LEU C 66 24.10 0.62 34.30
C LEU C 66 23.37 1.74 33.56
N LYS C 67 22.39 1.39 32.73
CA LYS C 67 21.61 2.42 32.04
C LYS C 67 20.85 3.29 33.04
N HIS C 68 20.19 2.65 34.00
CA HIS C 68 19.49 3.39 35.04
C HIS C 68 20.45 4.24 35.84
N GLY C 69 21.63 3.73 36.13
CA GLY C 69 22.59 4.48 36.92
C GLY C 69 23.10 5.71 36.20
N ARG C 70 23.41 5.58 34.91
CA ARG C 70 23.86 6.73 34.14
C ARG C 70 22.75 7.78 34.02
N ILE C 71 21.53 7.34 33.71
CA ILE C 71 20.42 8.28 33.61
C ILE C 71 20.20 8.97 34.95
N SER C 72 20.31 8.24 36.05
CA SER C 72 20.05 8.81 37.36
C SER C 72 21.16 9.74 37.81
N MET C 73 22.41 9.44 37.45
CA MET C 73 23.49 10.33 37.84
C MET C 73 23.53 11.58 36.99
N LEU C 74 22.92 11.54 35.79
CA LEU C 74 22.64 12.78 35.09
C LEU C 74 21.46 13.52 35.74
N ALA C 75 20.43 12.78 36.11
CA ALA C 75 19.21 13.40 36.63
C ALA C 75 19.43 14.06 37.98
N VAL C 76 20.30 13.50 38.81
CA VAL C 76 20.55 14.09 40.13
C VAL C 76 21.13 15.48 39.99
N VAL C 77 22.17 15.63 39.19
CA VAL C 77 22.78 16.95 39.01
C VAL C 77 21.83 17.88 38.26
N GLY C 78 21.09 17.35 37.28
CA GLY C 78 20.13 18.18 36.57
C GLY C 78 19.07 18.76 37.50
N TYR C 79 18.49 17.90 38.34
CA TYR C 79 17.51 18.33 39.33
C TYR C 79 18.13 19.30 40.33
N LEU C 80 19.34 19.00 40.79
CA LEU C 80 19.97 19.81 41.83
C LEU C 80 20.23 21.23 41.33
N ILE C 81 20.72 21.37 40.10
CA ILE C 81 21.00 22.73 39.62
C ILE C 81 19.77 23.38 39.02
N GLU C 82 18.74 22.60 38.69
CA GLU C 82 17.47 23.19 38.27
C GLU C 82 16.71 23.76 39.45
N LYS C 83 16.74 23.08 40.60
CA LYS C 83 16.14 23.59 41.82
C LYS C 83 16.97 24.68 42.47
N ALA C 84 18.26 24.74 42.18
CA ALA C 84 19.11 25.80 42.70
C ALA C 84 18.84 27.15 42.05
N GLY C 85 18.06 27.17 40.98
CA GLY C 85 17.76 28.40 40.26
C GLY C 85 18.57 28.63 39.02
N ILE C 86 19.58 27.81 38.75
CA ILE C 86 20.39 27.95 37.55
C ILE C 86 19.52 27.63 36.34
N ARG C 87 19.49 28.55 35.37
CA ARG C 87 18.69 28.39 34.16
C ARG C 87 19.55 28.66 32.94
N LEU C 88 19.22 27.98 31.86
CA LEU C 88 19.91 28.23 30.60
C LEU C 88 19.58 29.63 30.11
N PRO C 89 20.57 30.45 29.75
CA PRO C 89 20.28 31.82 29.34
C PRO C 89 19.48 31.88 28.04
N GLY C 90 18.65 32.90 27.93
CA GLY C 90 17.88 33.15 26.73
C GLY C 90 16.42 32.79 26.88
N ASN C 91 15.79 32.53 25.75
CA ASN C 91 14.39 32.14 25.68
C ASN C 91 14.29 30.68 25.25
N ILE C 92 13.43 29.92 25.93
CA ILE C 92 13.22 28.54 25.54
C ILE C 92 12.42 28.44 24.25
N SER C 93 11.66 29.48 23.92
CA SER C 93 10.84 29.47 22.70
C SER C 93 10.74 30.88 22.16
N TYR C 94 10.43 30.97 20.86
CA TYR C 94 10.31 32.27 20.21
C TYR C 94 9.08 33.05 20.63
N ASP C 95 8.06 32.37 21.15
CA ASP C 95 6.82 33.07 21.50
C ASP C 95 7.00 34.02 22.66
N GLY C 96 8.04 33.84 23.48
CA GLY C 96 8.30 34.77 24.57
C GLY C 96 8.70 34.12 25.86
N THR C 97 8.28 32.86 26.07
CA THR C 97 8.64 32.17 27.30
C THR C 97 10.13 31.87 27.34
N SER C 98 10.71 31.97 28.53
CA SER C 98 12.14 31.78 28.72
C SER C 98 12.37 30.63 29.68
N PHE C 99 13.64 30.23 29.80
CA PHE C 99 13.99 29.13 30.70
C PHE C 99 13.69 29.48 32.15
N ALA C 100 13.82 30.76 32.53
CA ALA C 100 13.56 31.16 33.90
C ALA C 100 12.10 30.95 34.30
N ASP C 101 11.18 30.99 33.35
CA ASP C 101 9.77 30.78 33.66
C ASP C 101 9.44 29.32 33.94
N ILE C 102 10.31 28.40 33.52
CA ILE C 102 10.06 26.98 33.77
C ILE C 102 10.36 26.66 35.23
N PRO C 103 9.42 26.09 35.98
CA PRO C 103 9.68 25.79 37.40
C PRO C 103 10.59 24.59 37.60
N ASP C 104 10.77 24.19 38.85
CA ASP C 104 11.69 23.11 39.22
C ASP C 104 10.90 21.85 39.52
N GLY C 105 11.44 20.70 39.11
CA GLY C 105 10.83 19.43 39.44
C GLY C 105 9.83 18.94 38.41
N PHE C 106 8.83 18.18 38.86
CA PHE C 106 7.80 17.69 37.94
C PHE C 106 7.01 18.82 37.31
N ALA C 107 6.93 19.98 37.97
CA ALA C 107 6.22 21.11 37.40
C ALA C 107 6.87 21.64 36.14
N ALA C 108 8.15 21.33 35.92
CA ALA C 108 8.83 21.78 34.72
C ALA C 108 8.22 21.14 33.46
N LEU C 109 7.86 19.86 33.56
CA LEU C 109 7.34 19.15 32.39
C LEU C 109 6.04 19.76 31.88
N SER C 110 5.24 20.34 32.78
CA SER C 110 3.99 20.96 32.38
C SER C 110 4.18 22.34 31.74
N LYS C 111 5.36 22.93 31.85
CA LYS C 111 5.62 24.24 31.29
C LYS C 111 6.56 24.22 30.09
N ILE C 112 7.21 23.09 29.82
CA ILE C 112 8.00 22.98 28.59
C ILE C 112 7.06 23.06 27.40
N PRO C 113 7.39 23.79 26.34
CA PRO C 113 6.53 23.81 25.16
C PRO C 113 6.36 22.42 24.59
N ASP C 114 5.16 22.15 24.06
CA ASP C 114 4.87 20.82 23.55
C ASP C 114 5.81 20.43 22.41
N ALA C 115 6.15 21.39 21.55
CA ALA C 115 7.17 21.13 20.54
C ALA C 115 8.51 20.83 21.19
N GLY C 116 8.87 21.56 22.24
CA GLY C 116 10.11 21.27 22.94
C GLY C 116 10.12 19.91 23.60
N LEU C 117 9.00 19.53 24.21
CA LEU C 117 8.91 18.20 24.80
C LEU C 117 9.04 17.11 23.75
N PHE C 118 8.37 17.30 22.60
CA PHE C 118 8.52 16.33 21.53
C PHE C 118 9.95 16.24 21.04
N GLN C 119 10.63 17.39 20.93
CA GLN C 119 12.01 17.36 20.47
C GLN C 119 12.91 16.64 21.47
N LEU C 120 12.68 16.86 22.76
CA LEU C 120 13.45 16.14 23.78
C LEU C 120 13.23 14.64 23.67
N PHE C 121 11.97 14.22 23.59
CA PHE C 121 11.69 12.79 23.49
C PHE C 121 12.23 12.19 22.20
N ALA C 122 12.15 12.94 21.10
CA ALA C 122 12.66 12.45 19.82
C ALA C 122 14.17 12.32 19.86
N PHE C 123 14.87 13.26 20.48
CA PHE C 123 16.31 13.15 20.61
C PHE C 123 16.70 11.96 21.48
N ILE C 124 15.99 11.74 22.59
CA ILE C 124 16.30 10.60 23.44
C ILE C 124 16.02 9.30 22.70
N GLY C 125 14.92 9.25 21.95
CA GLY C 125 14.63 8.05 21.16
C GLY C 125 15.66 7.80 20.08
N PHE C 126 16.14 8.88 19.45
CA PHE C 126 17.22 8.74 18.48
C PHE C 126 18.45 8.16 19.14
N LEU C 127 18.81 8.66 20.31
CA LEU C 127 19.95 8.11 21.04
C LEU C 127 19.74 6.63 21.34
N GLU C 128 18.56 6.28 21.84
CA GLU C 128 18.28 4.89 22.18
C GLU C 128 18.38 3.98 20.97
N VAL C 129 17.81 4.40 19.84
CA VAL C 129 17.74 3.53 18.67
C VAL C 129 19.10 3.43 17.98
N PHE C 130 19.84 4.54 17.86
CA PHE C 130 21.01 4.57 17.00
C PHE C 130 22.32 4.80 17.73
N VAL C 131 22.36 5.64 18.76
CA VAL C 131 23.64 6.08 19.31
C VAL C 131 24.04 5.22 20.50
N MET C 132 23.23 5.23 21.55
CA MET C 132 23.60 4.60 22.82
C MET C 132 23.35 3.09 22.75
N LYS C 133 24.21 2.41 22.00
CA LYS C 133 24.15 0.97 21.86
C LYS C 133 25.50 0.46 21.41
N ASP C 134 25.69 -0.84 21.53
CA ASP C 134 26.92 -1.49 21.10
C ASP C 134 26.71 -2.07 19.70
N ILE C 135 27.46 -1.58 18.72
CA ILE C 135 27.29 -2.02 17.35
C ILE C 135 28.55 -2.73 16.85
N THR C 136 29.71 -2.33 17.38
CA THR C 136 30.97 -2.94 17.00
C THR C 136 31.40 -4.05 17.94
N GLY C 137 30.69 -4.24 19.05
CA GLY C 137 31.08 -5.23 20.02
C GLY C 137 32.04 -4.66 21.05
N GLY C 138 31.62 -4.66 22.31
CA GLY C 138 32.45 -4.13 23.37
C GLY C 138 33.02 -5.22 24.25
N GLU C 139 34.05 -4.88 25.03
CA GLU C 139 34.67 -5.86 25.92
C GLU C 139 33.80 -6.19 27.13
N PHE C 140 32.77 -5.39 27.40
CA PHE C 140 31.82 -5.68 28.47
C PHE C 140 30.51 -4.99 28.15
N VAL C 141 29.54 -5.16 29.05
CA VAL C 141 28.21 -4.59 28.89
C VAL C 141 28.23 -3.15 29.38
N GLY C 142 27.73 -2.23 28.55
CA GLY C 142 27.75 -0.81 28.84
C GLY C 142 28.80 -0.03 28.07
N ASP C 143 29.70 -0.71 27.36
CA ASP C 143 30.72 -0.05 26.56
C ASP C 143 30.12 0.33 25.22
N PHE C 144 29.81 1.62 25.05
CA PHE C 144 29.17 2.12 23.85
C PHE C 144 30.12 2.89 22.95
N ARG C 145 31.43 2.79 23.19
CA ARG C 145 32.39 3.60 22.45
C ARG C 145 32.29 3.36 20.95
N ASN C 146 32.16 2.09 20.54
CA ASN C 146 32.06 1.71 19.14
C ASN C 146 33.28 2.13 18.33
N GLY C 147 34.40 2.40 19.01
CA GLY C 147 35.61 2.81 18.32
C GLY C 147 35.55 4.19 17.71
N PHE C 148 34.50 4.97 18.00
CA PHE C 148 34.32 6.28 17.40
C PHE C 148 34.76 7.39 18.35
N ILE C 149 34.20 7.43 19.56
CA ILE C 149 34.55 8.43 20.56
C ILE C 149 35.30 7.72 21.68
N ASP C 150 36.50 8.20 21.99
CA ASP C 150 37.31 7.61 23.04
C ASP C 150 38.28 8.67 23.55
N PHE C 151 38.38 8.78 24.88
CA PHE C 151 39.25 9.75 25.51
C PHE C 151 40.56 9.16 26.01
N GLY C 152 40.84 7.91 25.66
CA GLY C 152 42.07 7.27 26.08
C GLY C 152 41.88 6.23 27.16
N TRP C 153 40.80 5.45 27.04
CA TRP C 153 40.53 4.39 28.02
C TRP C 153 41.60 3.31 28.00
N ASP C 154 42.31 3.14 26.88
CA ASP C 154 43.40 2.18 26.82
C ASP C 154 44.63 2.62 27.59
N SER C 155 44.69 3.88 28.02
CA SER C 155 45.80 4.34 28.85
C SER C 155 45.75 3.73 30.25
N PHE C 156 44.55 3.45 30.75
CA PHE C 156 44.43 2.81 32.06
C PHE C 156 44.90 1.36 32.00
N ASP C 157 45.49 0.90 33.09
CA ASP C 157 45.80 -0.52 33.22
C ASP C 157 44.52 -1.28 33.59
N GLU C 158 44.63 -2.62 33.63
CA GLU C 158 43.46 -3.44 33.86
C GLU C 158 42.81 -3.14 35.20
N GLU C 159 43.62 -3.00 36.25
CA GLU C 159 43.08 -2.67 37.56
C GLU C 159 42.42 -1.30 37.56
N THR C 160 43.02 -0.32 36.88
CA THR C 160 42.41 1.00 36.80
C THR C 160 41.10 0.96 36.02
N LYS C 161 41.06 0.17 34.94
CA LYS C 161 39.83 0.03 34.18
C LYS C 161 38.71 -0.55 35.05
N LEU C 162 39.04 -1.61 35.81
CA LEU C 162 38.04 -2.20 36.69
C LEU C 162 37.61 -1.23 37.77
N LYS C 163 38.56 -0.44 38.29
CA LYS C 163 38.23 0.55 39.31
C LYS C 163 37.28 1.61 38.76
N LYS C 164 37.55 2.08 37.54
CA LYS C 164 36.67 3.08 36.93
C LYS C 164 35.28 2.50 36.68
N ARG C 165 35.21 1.25 36.21
CA ARG C 165 33.90 0.62 35.99
C ARG C 165 33.13 0.48 37.30
N ALA C 166 33.81 0.06 38.37
CA ALA C 166 33.15 -0.07 39.67
C ALA C 166 32.70 1.29 40.19
N ILE C 167 33.51 2.32 39.99
CA ILE C 167 33.12 3.67 40.40
C ILE C 167 31.86 4.09 39.65
N GLU C 168 31.84 3.88 38.34
CA GLU C 168 30.68 4.25 37.55
C GLU C 168 29.43 3.52 38.04
N LEU C 169 29.56 2.21 38.28
CA LEU C 169 28.40 1.41 38.68
C LEU C 169 27.87 1.84 40.03
N ASN C 170 28.77 2.04 41.00
CA ASN C 170 28.31 2.41 42.35
C ASN C 170 27.77 3.82 42.38
N GLN C 171 28.37 4.74 41.61
CA GLN C 171 27.78 6.06 41.47
C GLN C 171 26.40 5.97 40.84
N GLY C 172 26.22 5.06 39.89
CA GLY C 172 24.91 4.88 39.30
C GLY C 172 23.88 4.41 40.32
N ARG C 173 24.26 3.45 41.16
CA ARG C 173 23.34 2.96 42.18
C ARG C 173 22.99 4.05 43.19
N ALA C 174 24.02 4.78 43.66
CA ALA C 174 23.78 5.86 44.60
C ALA C 174 22.88 6.92 43.99
N ALA C 175 23.09 7.24 42.72
CA ALA C 175 22.29 8.25 42.06
C ALA C 175 20.87 7.76 41.82
N MET C 176 20.70 6.47 41.53
CA MET C 176 19.36 5.92 41.40
C MET C 176 18.57 6.16 42.68
N MET C 177 19.16 5.77 43.82
CA MET C 177 18.45 5.99 45.08
C MET C 177 18.29 7.47 45.39
N GLY C 178 19.27 8.31 45.04
CA GLY C 178 19.16 9.72 45.32
C GLY C 178 18.05 10.41 44.52
N ILE C 179 17.97 10.11 43.22
CA ILE C 179 16.90 10.69 42.41
C ILE C 179 15.55 10.12 42.82
N LEU C 180 15.50 8.85 43.23
CA LEU C 180 14.25 8.33 43.78
C LEU C 180 13.83 9.11 45.02
N ALA C 181 14.79 9.40 45.90
CA ALA C 181 14.48 10.17 47.10
C ALA C 181 14.00 11.57 46.74
N LEU C 182 14.66 12.22 45.79
CA LEU C 182 14.27 13.57 45.39
C LEU C 182 12.86 13.59 44.80
N MET C 183 12.56 12.63 43.91
CA MET C 183 11.24 12.59 43.31
C MET C 183 10.16 12.22 44.32
N VAL C 184 10.49 11.37 45.31
CA VAL C 184 9.54 11.06 46.37
C VAL C 184 9.26 12.30 47.21
N HIS C 185 10.31 13.01 47.62
CA HIS C 185 10.13 14.14 48.52
C HIS C 185 9.59 15.37 47.82
N GLU C 186 9.65 15.44 46.49
CA GLU C 186 8.92 16.49 45.81
C GLU C 186 7.42 16.34 46.04
N LYS C 187 6.92 15.10 45.99
CA LYS C 187 5.50 14.87 46.25
C LYS C 187 5.17 15.00 47.72
N LEU C 188 6.07 14.58 48.60
CA LEU C 188 5.87 14.82 50.02
C LEU C 188 6.03 16.31 50.35
N GLY C 189 5.47 16.71 51.47
CA GLY C 189 5.65 18.07 51.94
C GLY C 189 7.05 18.34 52.48
N VAL C 190 7.81 17.29 52.76
CA VAL C 190 9.14 17.44 53.33
C VAL C 190 10.16 17.51 52.21
N SER C 191 11.08 18.46 52.31
CA SER C 191 12.15 18.66 51.35
C SER C 191 13.49 18.36 52.00
N LEU C 192 14.37 17.67 51.26
CA LEU C 192 15.68 17.31 51.76
C LEU C 192 16.75 18.34 51.42
N LEU C 193 16.39 19.42 50.75
CA LEU C 193 17.36 20.43 50.33
C LEU C 193 17.27 21.65 51.23
N PRO C 194 18.41 22.11 51.78
CA PRO C 194 18.46 23.27 52.67
C PRO C 194 17.99 24.56 51.98
N SER D 31 26.77 -5.17 -12.56
CA SER D 31 25.83 -4.67 -13.56
C SER D 31 25.41 -3.25 -13.24
N GLU D 32 26.08 -2.64 -12.26
CA GLU D 32 25.77 -1.27 -11.86
C GLU D 32 26.51 -0.24 -12.70
N ILE D 33 27.72 -0.58 -13.18
CA ILE D 33 28.49 0.36 -13.98
C ILE D 33 27.82 0.62 -15.32
N GLU D 34 27.16 -0.40 -15.88
CA GLU D 34 26.42 -0.24 -17.12
C GLU D 34 24.98 0.18 -16.91
N LEU D 35 24.57 0.38 -15.66
CA LEU D 35 23.21 0.85 -15.37
C LEU D 35 23.13 2.37 -15.54
N GLY D 36 21.99 2.83 -16.03
CA GLY D 36 21.83 4.23 -16.33
C GLY D 36 22.39 4.67 -17.66
N VAL D 37 22.87 3.73 -18.47
CA VAL D 37 23.39 4.02 -19.80
C VAL D 37 22.28 3.76 -20.80
N THR D 38 21.69 4.83 -21.33
CA THR D 38 20.59 4.72 -22.28
C THR D 38 20.84 5.67 -23.46
N GLU D 39 20.04 5.48 -24.50
CA GLU D 39 20.09 6.36 -25.65
C GLU D 39 19.54 7.74 -25.27
N PRO D 40 19.96 8.79 -26.00
CA PRO D 40 20.87 8.81 -27.14
C PRO D 40 22.32 9.01 -26.75
N LEU D 41 22.59 9.19 -25.46
CA LEU D 41 23.91 9.57 -25.01
C LEU D 41 24.82 8.39 -24.72
N GLY D 42 24.26 7.23 -24.40
CA GLY D 42 25.10 6.11 -24.01
C GLY D 42 25.80 6.42 -22.70
N VAL D 43 27.09 6.09 -22.63
CA VAL D 43 27.88 6.37 -21.43
C VAL D 43 28.32 7.82 -21.48
N TYR D 44 27.51 8.71 -20.92
CA TYR D 44 27.80 10.14 -20.96
C TYR D 44 28.61 10.51 -19.72
N ASP D 45 29.85 10.93 -19.95
CA ASP D 45 30.76 11.29 -18.86
C ASP D 45 31.72 12.35 -19.37
N PRO D 46 31.23 13.58 -19.54
CA PRO D 46 32.10 14.64 -20.09
C PRO D 46 33.28 14.96 -19.20
N LEU D 47 33.16 14.77 -17.88
CA LEU D 47 34.24 15.09 -16.96
C LEU D 47 35.32 14.01 -16.91
N GLY D 48 35.06 12.83 -17.46
CA GLY D 48 36.06 11.78 -17.42
C GLY D 48 36.26 11.17 -16.05
N TRP D 49 35.28 11.27 -15.16
CA TRP D 49 35.41 10.75 -13.81
C TRP D 49 35.12 9.26 -13.70
N LEU D 50 34.60 8.63 -14.76
CA LEU D 50 34.49 7.19 -14.76
C LEU D 50 35.85 6.52 -14.91
N GLU D 51 36.83 7.23 -15.47
CA GLU D 51 38.19 6.73 -15.57
C GLU D 51 39.13 7.37 -14.55
N SER D 52 38.87 8.62 -14.16
CA SER D 52 39.72 9.29 -13.19
C SER D 52 39.52 8.72 -11.79
N GLU D 53 38.27 8.51 -11.38
CA GLU D 53 37.95 7.98 -10.06
C GLU D 53 37.00 6.79 -10.20
N PRO D 54 37.52 5.65 -10.65
CA PRO D 54 36.65 4.46 -10.76
C PRO D 54 36.12 3.95 -9.43
N GLU D 55 36.79 4.25 -8.32
CA GLU D 55 36.38 3.75 -7.02
C GLU D 55 35.27 4.59 -6.38
N ALA D 56 35.04 5.80 -6.86
CA ALA D 56 34.01 6.67 -6.31
C ALA D 56 32.66 6.48 -6.99
N PHE D 57 32.61 5.66 -8.04
CA PHE D 57 31.38 5.50 -8.80
C PHE D 57 30.26 4.90 -7.98
N GLU D 58 30.57 3.98 -7.06
CA GLU D 58 29.52 3.34 -6.28
C GLU D 58 28.73 4.38 -5.48
N ARG D 59 29.44 5.21 -4.71
CA ARG D 59 28.73 6.21 -3.93
C ARG D 59 28.18 7.33 -4.79
N ARG D 60 28.82 7.65 -5.91
CA ARG D 60 28.24 8.67 -6.79
C ARG D 60 26.91 8.18 -7.37
N ARG D 61 26.84 6.92 -7.77
CA ARG D 61 25.58 6.34 -8.25
C ARG D 61 24.55 6.30 -7.13
N ALA D 62 24.97 5.97 -5.91
CA ALA D 62 24.04 5.98 -4.78
C ALA D 62 23.47 7.38 -4.57
N VAL D 63 24.33 8.39 -4.61
CA VAL D 63 23.88 9.78 -4.45
C VAL D 63 22.93 10.16 -5.58
N GLU D 64 23.27 9.76 -6.81
CA GLU D 64 22.42 10.08 -7.95
C GLU D 64 21.05 9.44 -7.80
N ARG D 65 21.00 8.17 -7.39
CA ARG D 65 19.73 7.49 -7.23
C ARG D 65 18.90 8.11 -6.11
N LYS D 66 19.54 8.43 -4.98
CA LYS D 66 18.81 9.05 -3.88
C LYS D 66 18.26 10.41 -4.28
N HIS D 67 19.08 11.22 -4.95
CA HIS D 67 18.62 12.52 -5.42
C HIS D 67 17.49 12.37 -6.43
N GLY D 68 17.60 11.38 -7.31
CA GLY D 68 16.55 11.17 -8.28
C GLY D 68 15.23 10.83 -7.62
N ARG D 69 15.25 9.91 -6.65
CA ARG D 69 14.03 9.55 -5.95
C ARG D 69 13.43 10.74 -5.21
N VAL D 70 14.29 11.49 -4.51
CA VAL D 70 13.81 12.65 -3.75
C VAL D 70 13.21 13.68 -4.69
N ALA D 71 13.85 13.90 -5.85
CA ALA D 71 13.35 14.88 -6.81
C ALA D 71 12.06 14.42 -7.46
N MET D 72 11.92 13.12 -7.74
CA MET D 72 10.66 12.61 -8.28
C MET D 72 9.52 12.84 -7.30
N ALA D 73 9.76 12.53 -6.02
CA ALA D 73 8.75 12.79 -5.01
C ALA D 73 8.45 14.28 -4.92
N ALA D 74 9.48 15.12 -5.01
CA ALA D 74 9.28 16.57 -4.91
C ALA D 74 8.47 17.10 -6.09
N VAL D 75 8.73 16.59 -7.29
CA VAL D 75 7.97 17.05 -8.46
C VAL D 75 6.51 16.64 -8.35
N VAL D 76 6.25 15.40 -7.92
CA VAL D 76 4.88 14.98 -7.71
C VAL D 76 4.23 15.86 -6.65
N GLY D 77 4.97 16.20 -5.60
CA GLY D 77 4.42 17.06 -4.57
C GLY D 77 4.07 18.44 -5.09
N THR D 78 4.94 19.03 -5.92
CA THR D 78 4.65 20.33 -6.48
C THR D 78 3.42 20.29 -7.36
N ILE D 79 3.30 19.24 -8.17
CA ILE D 79 2.11 19.09 -9.02
C ILE D 79 0.86 18.99 -8.16
N VAL D 80 0.91 18.19 -7.09
CA VAL D 80 -0.24 18.02 -6.21
C VAL D 80 -0.60 19.34 -5.55
N HIS D 81 0.40 20.07 -5.07
CA HIS D 81 0.15 21.34 -4.40
C HIS D 81 -0.50 22.35 -5.34
N ASN D 82 0.07 22.49 -6.54
CA ASN D 82 -0.47 23.47 -7.48
C ASN D 82 -1.79 23.04 -8.08
N ASN D 83 -2.14 21.76 -7.99
CA ASN D 83 -3.48 21.32 -8.34
C ASN D 83 -4.46 21.48 -7.19
N HIS D 84 -4.01 22.04 -6.07
CA HIS D 84 -4.86 22.33 -4.90
C HIS D 84 -5.51 21.05 -4.36
N ILE D 85 -4.76 19.95 -4.39
CA ILE D 85 -5.19 18.71 -3.75
C ILE D 85 -4.65 18.76 -2.32
N VAL D 86 -5.50 19.19 -1.39
CA VAL D 86 -5.08 19.39 -0.01
C VAL D 86 -6.06 18.66 0.91
N PHE D 87 -5.59 18.32 2.10
CA PHE D 87 -6.44 17.70 3.09
C PHE D 87 -7.40 18.72 3.68
N ASP D 88 -8.53 18.23 4.18
CA ASP D 88 -9.51 19.08 4.85
C ASP D 88 -9.21 19.09 6.34
N GLY D 89 -9.06 20.29 6.91
CA GLY D 89 -8.81 20.43 8.32
C GLY D 89 -7.60 21.30 8.57
N TYR D 90 -7.04 21.17 9.76
CA TYR D 90 -5.90 21.97 10.20
C TYR D 90 -4.66 21.09 10.28
N LEU D 91 -3.57 21.57 9.70
CA LEU D 91 -2.28 20.92 9.94
C LEU D 91 -1.90 21.00 11.41
N SER D 92 -2.11 22.17 12.02
CA SER D 92 -1.88 22.36 13.45
C SER D 92 -3.01 23.21 13.99
N PRO D 93 -4.00 22.58 14.64
CA PRO D 93 -5.11 23.36 15.21
C PRO D 93 -4.67 24.38 16.24
N SER D 94 -3.59 24.10 16.98
CA SER D 94 -3.11 25.06 17.97
C SER D 94 -2.66 26.36 17.32
N ASN D 95 -1.99 26.26 16.18
CA ASN D 95 -1.53 27.44 15.44
C ASN D 95 -2.60 28.00 14.51
N ASN D 96 -3.79 27.38 14.48
CA ASN D 96 -4.87 27.80 13.59
C ASN D 96 -4.39 27.83 12.14
N LEU D 97 -3.78 26.72 11.73
CA LEU D 97 -3.15 26.61 10.42
C LEU D 97 -3.85 25.53 9.61
N LYS D 98 -4.68 25.96 8.66
CA LYS D 98 -5.32 25.02 7.75
C LYS D 98 -4.29 24.41 6.81
N PHE D 99 -4.64 23.24 6.25
CA PHE D 99 -3.83 22.68 5.18
C PHE D 99 -3.86 23.58 3.95
N SER D 100 -4.95 24.31 3.74
CA SER D 100 -5.06 25.22 2.61
C SER D 100 -4.34 26.54 2.85
N ASP D 101 -3.97 26.84 4.08
CA ASP D 101 -3.25 28.07 4.38
C ASP D 101 -1.76 27.97 4.06
N ILE D 102 -1.24 26.77 3.86
CA ILE D 102 0.19 26.61 3.55
C ILE D 102 0.44 27.05 2.11
N PRO D 103 1.41 27.92 1.86
CA PRO D 103 1.69 28.33 0.49
C PRO D 103 2.08 27.16 -0.39
N THR D 104 1.67 27.22 -1.65
CA THR D 104 1.88 26.12 -2.58
C THR D 104 3.33 26.00 -3.01
N GLY D 105 4.01 27.13 -3.21
CA GLY D 105 5.36 27.14 -3.77
C GLY D 105 6.43 26.73 -2.77
N VAL D 106 7.65 27.24 -3.01
CA VAL D 106 8.80 26.85 -2.20
C VAL D 106 8.68 27.34 -0.76
N ASP D 107 7.79 28.29 -0.49
CA ASP D 107 7.60 28.78 0.87
C ASP D 107 6.68 27.90 1.70
N GLY D 108 6.14 26.84 1.12
CA GLY D 108 5.29 25.93 1.87
C GLY D 108 6.00 25.20 3.00
N ILE D 109 7.29 24.91 2.82
CA ILE D 109 8.03 24.22 3.87
C ILE D 109 8.20 25.13 5.09
N ARG D 110 8.30 26.44 4.88
CA ARG D 110 8.39 27.36 6.01
C ARG D 110 7.14 27.34 6.86
N ALA D 111 5.97 27.22 6.21
CA ALA D 111 4.70 27.30 6.94
C ALA D 111 4.54 26.18 7.95
N ILE D 112 5.21 25.05 7.77
CA ILE D 112 5.10 23.95 8.72
C ILE D 112 5.70 24.38 10.06
N PRO D 113 4.97 24.24 11.16
CA PRO D 113 5.51 24.68 12.46
C PRO D 113 6.68 23.85 12.92
N THR D 114 7.31 24.27 14.02
CA THR D 114 8.52 23.62 14.50
C THR D 114 8.26 22.17 14.87
N ALA D 115 7.15 21.89 15.55
CA ALA D 115 6.84 20.53 15.94
C ALA D 115 6.64 19.63 14.73
N GLY D 116 5.98 20.13 13.68
CA GLY D 116 5.79 19.33 12.48
C GLY D 116 7.10 18.99 11.80
N LEU D 117 7.99 19.98 11.68
CA LEU D 117 9.31 19.72 11.12
C LEU D 117 10.11 18.75 11.97
N ALA D 118 10.01 18.86 13.31
CA ALA D 118 10.67 17.91 14.19
C ALA D 118 10.15 16.50 13.98
N GLN D 119 8.84 16.34 13.83
CA GLN D 119 8.28 15.03 13.58
C GLN D 119 8.75 14.47 12.24
N ILE D 120 8.77 15.31 11.20
CA ILE D 120 9.27 14.86 9.90
C ILE D 120 10.72 14.41 10.01
N LEU D 121 11.55 15.21 10.68
CA LEU D 121 12.96 14.89 10.83
C LEU D 121 13.15 13.58 11.60
N ALA D 122 12.39 13.39 12.68
CA ALA D 122 12.52 12.16 13.47
C ALA D 122 12.10 10.94 12.65
N PHE D 123 10.95 11.02 11.98
CA PHE D 123 10.47 9.89 11.21
C PHE D 123 11.45 9.53 10.10
N PHE D 124 11.97 10.53 9.39
CA PHE D 124 12.87 10.21 8.29
C PHE D 124 14.28 9.88 8.75
N ALA D 125 14.67 10.31 9.95
CA ALA D 125 15.89 9.78 10.55
C ALA D 125 15.74 8.29 10.80
N LEU D 126 14.63 7.88 11.41
CA LEU D 126 14.36 6.46 11.59
C LEU D 126 14.39 5.73 10.25
N VAL D 127 13.68 6.26 9.25
CA VAL D 127 13.61 5.61 7.95
C VAL D 127 15.00 5.46 7.35
N GLU D 128 15.69 6.57 7.12
CA GLU D 128 16.93 6.61 6.35
C GLU D 128 18.14 6.16 7.15
N LEU D 129 17.99 5.84 8.44
CA LEU D 129 19.08 5.21 9.15
C LEU D 129 18.83 3.75 9.47
N ALA D 130 17.57 3.31 9.55
CA ALA D 130 17.27 1.93 9.89
C ALA D 130 16.55 1.20 8.78
N TRP D 131 15.39 1.68 8.34
CA TRP D 131 14.54 0.90 7.45
C TRP D 131 15.11 0.87 6.04
N MET D 132 15.53 2.03 5.53
CA MET D 132 16.17 2.14 4.22
C MET D 132 17.43 2.96 4.40
N PRO D 133 18.49 2.36 4.94
CA PRO D 133 19.70 3.14 5.25
C PRO D 133 20.28 3.79 4.01
N ALA D 134 20.71 5.04 4.18
CA ALA D 134 21.38 5.73 3.09
C ALA D 134 22.76 5.18 2.80
N SER D 135 23.34 4.40 3.71
CA SER D 135 24.66 3.84 3.50
C SER D 135 24.64 2.66 2.53
N LYS D 136 23.49 2.07 2.27
CA LYS D 136 23.38 1.02 1.25
C LYS D 136 23.48 1.68 -0.11
N TYR D 137 24.65 1.58 -0.73
CA TYR D 137 24.88 2.29 -1.98
C TYR D 137 24.25 1.59 -3.18
N ASP D 138 23.82 0.34 -3.02
CA ASP D 138 23.13 -0.34 -4.11
C ASP D 138 21.68 0.11 -4.24
N GLY D 139 21.13 0.75 -3.22
CA GLY D 139 19.77 1.24 -3.26
C GLY D 139 18.71 0.15 -3.12
N ASP D 140 19.11 -1.10 -2.91
CA ASP D 140 18.17 -2.21 -2.81
C ASP D 140 17.77 -2.36 -1.35
N TYR D 141 16.51 -2.08 -1.05
CA TYR D 141 16.00 -2.12 0.31
C TYR D 141 14.99 -3.23 0.53
N GLY D 142 14.87 -4.16 -0.41
CA GLY D 142 14.01 -5.32 -0.25
C GLY D 142 12.57 -5.10 -0.65
N VAL D 143 12.17 -3.88 -1.01
CA VAL D 143 10.81 -3.65 -1.42
C VAL D 143 10.58 -3.98 -2.89
N GLY D 144 11.65 -4.02 -3.69
CA GLY D 144 11.50 -4.34 -5.08
C GLY D 144 10.69 -3.29 -5.83
N TYR D 145 10.17 -3.70 -6.98
CA TYR D 145 9.30 -2.85 -7.78
C TYR D 145 7.86 -3.28 -7.56
N PHE D 146 7.11 -2.47 -6.81
CA PHE D 146 5.74 -2.80 -6.41
C PHE D 146 5.68 -4.14 -5.70
N GLY D 147 6.64 -4.38 -4.80
CA GLY D 147 6.65 -5.57 -3.98
C GLY D 147 7.21 -6.82 -4.63
N THR D 148 7.65 -6.73 -5.88
CA THR D 148 8.12 -7.89 -6.62
C THR D 148 9.55 -7.71 -7.05
N ASP D 149 10.23 -8.83 -7.25
CA ASP D 149 11.57 -8.87 -7.81
C ASP D 149 11.48 -9.22 -9.28
N ILE D 150 12.06 -8.39 -10.13
CA ILE D 150 11.99 -8.59 -11.57
C ILE D 150 12.97 -9.70 -11.94
N LYS D 151 12.42 -10.85 -12.36
CA LYS D 151 13.27 -12.00 -12.64
C LYS D 151 14.03 -11.84 -13.95
N ASP D 152 13.43 -11.22 -14.96
CA ASP D 152 14.09 -11.05 -16.25
C ASP D 152 15.22 -10.04 -16.11
N PRO D 153 16.47 -10.41 -16.37
CA PRO D 153 17.57 -9.45 -16.21
C PRO D 153 17.43 -8.22 -17.09
N GLU D 154 17.00 -8.39 -18.34
CA GLU D 154 16.87 -7.25 -19.23
C GLU D 154 15.72 -6.34 -18.84
N GLU D 155 14.58 -6.90 -18.42
CA GLU D 155 13.47 -6.08 -17.92
C GLU D 155 13.85 -5.34 -16.64
N LYS D 156 14.55 -6.01 -15.73
CA LYS D 156 15.00 -5.35 -14.50
C LYS D 156 15.97 -4.22 -14.82
N ALA D 157 16.91 -4.45 -15.74
CA ALA D 157 17.83 -3.38 -16.14
C ALA D 157 17.08 -2.24 -16.80
N ARG D 158 16.09 -2.55 -17.63
CA ARG D 158 15.31 -1.51 -18.29
C ARG D 158 14.57 -0.65 -17.28
N LYS D 159 13.95 -1.28 -16.27
CA LYS D 159 13.23 -0.49 -15.28
C LYS D 159 14.18 0.27 -14.35
N LEU D 160 15.35 -0.28 -14.07
CA LEU D 160 16.35 0.48 -13.31
C LEU D 160 16.82 1.70 -14.09
N ASN D 161 17.03 1.55 -15.39
CA ASN D 161 17.37 2.69 -16.23
C ASN D 161 16.23 3.69 -16.29
N VAL D 162 14.99 3.20 -16.31
CA VAL D 162 13.84 4.10 -16.27
C VAL D 162 13.85 4.91 -14.98
N GLU D 163 14.12 4.25 -13.85
CA GLU D 163 14.19 4.95 -12.57
C GLU D 163 15.27 6.01 -12.58
N LEU D 164 16.45 5.67 -13.09
CA LEU D 164 17.56 6.62 -13.08
C LEU D 164 17.29 7.81 -13.99
N ASN D 165 16.79 7.55 -15.21
CA ASN D 165 16.50 8.65 -16.13
C ASN D 165 15.38 9.53 -15.61
N ASN D 166 14.34 8.93 -15.03
CA ASN D 166 13.27 9.71 -14.42
C ASN D 166 13.80 10.53 -13.26
N GLY D 167 14.71 10.00 -12.47
CA GLY D 167 15.29 10.77 -11.39
C GLY D 167 16.10 11.96 -11.89
N ARG D 168 16.86 11.76 -12.97
CA ARG D 168 17.61 12.87 -13.55
C ARG D 168 16.67 13.94 -14.09
N ALA D 169 15.62 13.52 -14.80
CA ALA D 169 14.65 14.47 -15.33
C ALA D 169 13.96 15.21 -14.20
N ALA D 170 13.66 14.51 -13.10
CA ALA D 170 13.00 15.14 -11.98
C ALA D 170 13.92 16.11 -11.25
N MET D 171 15.21 15.79 -11.15
CA MET D 171 16.15 16.74 -10.58
C MET D 171 16.19 18.02 -11.39
N MET D 172 16.31 17.89 -12.72
CA MET D 172 16.30 19.07 -13.58
C MET D 172 14.99 19.84 -13.43
N GLY D 173 13.87 19.11 -13.38
CA GLY D 173 12.58 19.77 -13.30
C GLY D 173 12.35 20.48 -11.99
N ILE D 174 12.75 19.88 -10.87
CA ILE D 174 12.54 20.52 -9.58
C ILE D 174 13.46 21.73 -9.43
N MET D 175 14.69 21.63 -9.94
CA MET D 175 15.55 22.81 -9.93
C MET D 175 14.96 23.92 -10.79
N GLY D 176 14.43 23.58 -11.96
CA GLY D 176 13.82 24.59 -12.81
C GLY D 176 12.60 25.21 -12.17
N ASN D 177 11.78 24.40 -11.50
CA ASN D 177 10.59 24.92 -10.82
C ASN D 177 10.99 25.88 -9.71
N MET D 178 11.98 25.50 -8.90
CA MET D 178 12.43 26.39 -7.83
C MET D 178 12.98 27.70 -8.38
N VAL D 179 13.82 27.63 -9.39
CA VAL D 179 14.42 28.84 -9.95
C VAL D 179 13.35 29.72 -10.59
N ALA D 180 12.41 29.11 -11.31
CA ALA D 180 11.33 29.88 -11.93
C ALA D 180 10.47 30.56 -10.89
N GLU D 181 10.15 29.87 -9.81
CA GLU D 181 9.35 30.50 -8.75
C GLU D 181 10.11 31.63 -8.08
N VAL D 182 11.41 31.43 -7.82
CA VAL D 182 12.18 32.47 -7.17
C VAL D 182 12.28 33.71 -8.05
N LEU D 183 12.55 33.52 -9.35
CA LEU D 183 12.72 34.67 -10.24
C LEU D 183 11.40 35.35 -10.57
N THR D 184 10.35 34.58 -10.86
CA THR D 184 9.05 35.17 -11.13
C THR D 184 8.36 35.67 -9.88
N GLY D 185 8.72 35.15 -8.70
CA GLY D 185 8.12 35.58 -7.46
C GLY D 185 6.78 34.99 -7.15
N GLN D 186 6.29 34.06 -7.97
CA GLN D 186 4.96 33.48 -7.78
C GLN D 186 5.03 31.98 -7.98
N THR D 187 4.11 31.27 -7.32
CA THR D 187 4.07 29.82 -7.38
C THR D 187 3.67 29.36 -8.77
N MET D 188 3.78 28.05 -9.00
CA MET D 188 3.45 27.51 -10.32
C MET D 188 1.97 27.73 -10.65
N TYR D 189 1.09 27.57 -9.65
CA TYR D 189 -0.32 27.83 -9.90
C TYR D 189 -0.56 29.28 -10.26
N GLU D 190 0.02 30.21 -9.51
CA GLU D 190 -0.13 31.63 -9.81
C GLU D 190 0.50 31.96 -11.16
N GLN D 191 1.66 31.36 -11.46
CA GLN D 191 2.34 31.63 -12.72
C GLN D 191 1.50 31.18 -13.91
N TYR D 192 0.87 30.01 -13.81
CA TYR D 192 0.03 29.53 -14.89
C TYR D 192 -1.27 30.32 -14.99
N ALA D 193 -1.85 30.69 -13.84
CA ALA D 193 -3.10 31.43 -13.85
C ALA D 193 -2.93 32.83 -14.42
N SER D 194 -1.82 33.49 -14.10
CA SER D 194 -1.57 34.83 -14.62
C SER D 194 -1.16 34.82 -16.09
N GLY D 195 -0.90 33.66 -16.67
CA GLY D 195 -0.49 33.58 -18.05
C GLY D 195 0.95 33.96 -18.30
N HIS D 196 1.75 34.12 -17.25
CA HIS D 196 3.15 34.52 -17.37
C HIS D 196 3.99 33.27 -17.62
N ILE D 197 3.93 32.77 -18.84
CA ILE D 197 4.70 31.59 -19.27
C ILE D 197 5.91 32.00 -20.10
N SER D 198 5.68 32.75 -21.18
CA SER D 198 6.80 33.18 -22.02
C SER D 198 7.55 34.30 -21.31
N PRO D 199 8.86 34.16 -21.08
CA PRO D 199 9.64 35.20 -20.40
C PRO D 199 10.11 36.31 -21.34
N PHE D 200 9.21 36.79 -22.19
CA PHE D 200 9.52 37.87 -23.12
C PHE D 200 8.25 38.49 -23.68
N VAL E 30 13.83 -21.36 4.37
CA VAL E 30 12.96 -20.49 5.16
C VAL E 30 12.22 -21.31 6.21
N SER E 31 12.87 -21.56 7.34
CA SER E 31 12.23 -22.29 8.43
C SER E 31 11.66 -21.32 9.46
N GLU E 32 10.81 -21.86 10.34
CA GLU E 32 10.09 -21.02 11.29
C GLU E 32 10.99 -20.50 12.41
N ILE E 33 12.11 -21.15 12.66
CA ILE E 33 12.93 -20.76 13.81
C ILE E 33 13.67 -19.45 13.56
N GLU E 34 13.91 -19.11 12.29
CA GLU E 34 14.69 -17.87 12.05
C GLU E 34 13.78 -16.73 11.63
N LEU E 35 12.49 -17.00 11.53
CA LEU E 35 11.55 -15.95 11.20
C LEU E 35 11.27 -15.10 12.43
N GLY E 36 11.15 -13.80 12.23
CA GLY E 36 10.93 -12.87 13.32
C GLY E 36 12.18 -12.39 14.02
N ALA E 37 13.34 -12.90 13.64
CA ALA E 37 14.62 -12.46 14.20
C ALA E 37 15.29 -11.58 13.15
N THR E 38 15.04 -10.28 13.25
CA THR E 38 15.58 -9.30 12.31
C THR E 38 16.29 -8.19 13.07
N GLU E 39 16.85 -7.26 12.32
CA GLU E 39 17.50 -6.10 12.92
C GLU E 39 16.47 -5.21 13.60
N PRO E 40 16.86 -4.47 14.64
CA PRO E 40 18.20 -4.43 15.22
C PRO E 40 18.40 -5.44 16.34
N LEU E 41 17.35 -6.16 16.71
CA LEU E 41 17.41 -7.02 17.88
C LEU E 41 17.90 -8.43 17.57
N GLY E 42 17.76 -8.88 16.33
CA GLY E 42 18.13 -10.24 16.02
C GLY E 42 17.23 -11.22 16.75
N VAL E 43 17.82 -12.33 17.22
CA VAL E 43 17.08 -13.29 18.03
C VAL E 43 16.90 -12.70 19.42
N PHE E 44 15.73 -12.13 19.67
CA PHE E 44 15.46 -11.38 20.89
C PHE E 44 14.59 -12.23 21.81
N ASP E 45 15.23 -12.94 22.73
CA ASP E 45 14.55 -13.80 23.69
C ASP E 45 15.08 -13.48 25.09
N PRO E 46 14.58 -12.42 25.71
CA PRO E 46 15.01 -12.11 27.09
C PRO E 46 14.69 -13.22 28.08
N LEU E 47 13.56 -13.91 27.91
CA LEU E 47 13.19 -14.99 28.81
C LEU E 47 13.96 -16.27 28.57
N GLY E 48 14.68 -16.37 27.45
CA GLY E 48 15.46 -17.56 27.18
C GLY E 48 14.63 -18.79 26.87
N TRP E 49 13.38 -18.62 26.46
CA TRP E 49 12.50 -19.75 26.21
C TRP E 49 12.80 -20.45 24.89
N LEU E 50 13.62 -19.85 24.02
CA LEU E 50 13.97 -20.52 22.77
C LEU E 50 14.92 -21.70 23.02
N GLU E 51 15.78 -21.60 24.03
CA GLU E 51 16.75 -22.65 24.30
C GLU E 51 16.29 -23.64 25.36
N THR E 52 15.42 -23.23 26.28
CA THR E 52 14.95 -24.13 27.33
C THR E 52 13.65 -24.82 26.98
N GLU E 53 12.85 -24.26 26.07
CA GLU E 53 11.57 -24.84 25.65
C GLU E 53 11.50 -24.85 24.13
N PRO E 54 12.28 -25.72 23.48
CA PRO E 54 12.28 -25.73 22.01
C PRO E 54 11.07 -26.42 21.41
N GLU E 55 10.44 -27.34 22.14
CA GLU E 55 9.31 -28.08 21.60
C GLU E 55 8.04 -27.25 21.52
N ALA E 56 7.92 -26.20 22.34
CA ALA E 56 6.74 -25.36 22.35
C ALA E 56 6.86 -24.16 21.42
N PHE E 57 7.97 -24.05 20.70
CA PHE E 57 8.18 -22.88 19.84
C PHE E 57 7.17 -22.83 18.70
N GLU E 58 6.81 -23.98 18.14
CA GLU E 58 5.85 -23.97 17.04
C GLU E 58 4.51 -23.41 17.48
N ARG E 59 4.00 -23.88 18.62
CA ARG E 59 2.74 -23.36 19.14
C ARG E 59 2.86 -21.89 19.53
N ARG E 60 3.99 -21.50 20.13
CA ARG E 60 4.16 -20.11 20.51
C ARG E 60 4.21 -19.19 19.30
N ARG E 61 4.90 -19.60 18.24
CA ARG E 61 4.94 -18.79 17.03
C ARG E 61 3.59 -18.75 16.35
N ALA E 62 2.83 -19.86 16.40
CA ALA E 62 1.47 -19.83 15.89
C ALA E 62 0.62 -18.81 16.64
N VAL E 63 0.73 -18.81 17.97
CA VAL E 63 -0.03 -17.86 18.79
C VAL E 63 0.39 -16.44 18.48
N GLU E 64 1.70 -16.22 18.33
CA GLU E 64 2.21 -14.88 18.03
C GLU E 64 1.69 -14.38 16.69
N ARG E 65 1.74 -15.23 15.66
CA ARG E 65 1.26 -14.81 14.34
C ARG E 65 -0.25 -14.59 14.35
N LYS E 66 -0.99 -15.45 15.04
CA LYS E 66 -2.43 -15.29 15.13
C LYS E 66 -2.79 -13.97 15.81
N HIS E 67 -2.14 -13.69 16.94
CA HIS E 67 -2.38 -12.44 17.64
C HIS E 67 -1.96 -11.25 16.80
N GLY E 68 -0.86 -11.39 16.05
CA GLY E 68 -0.43 -10.30 15.19
C GLY E 68 -1.46 -9.97 14.13
N ARG E 69 -1.98 -10.99 13.46
CA ARG E 69 -2.99 -10.77 12.44
C ARG E 69 -4.26 -10.15 13.05
N VAL E 70 -4.70 -10.69 14.18
CA VAL E 70 -5.90 -10.16 14.82
C VAL E 70 -5.70 -8.70 15.24
N ALA E 71 -4.52 -8.38 15.76
CA ALA E 71 -4.24 -7.01 16.20
C ALA E 71 -4.09 -6.05 15.03
N MET E 72 -3.53 -6.51 13.91
CA MET E 72 -3.47 -5.67 12.72
C MET E 72 -4.87 -5.34 12.24
N ALA E 73 -5.74 -6.36 12.21
CA ALA E 73 -7.14 -6.10 11.84
C ALA E 73 -7.79 -5.14 12.82
N ALA E 74 -7.50 -5.30 14.11
CA ALA E 74 -8.10 -4.43 15.13
C ALA E 74 -7.63 -2.99 14.98
N VAL E 75 -6.34 -2.79 14.70
CA VAL E 75 -5.81 -1.44 14.55
C VAL E 75 -6.42 -0.77 13.33
N VAL E 76 -6.49 -1.49 12.21
CA VAL E 76 -7.13 -0.93 11.03
C VAL E 76 -8.59 -0.60 11.32
N GLY E 77 -9.27 -1.46 12.07
CA GLY E 77 -10.66 -1.19 12.42
C GLY E 77 -10.81 0.05 13.28
N THR E 78 -9.93 0.23 14.26
CA THR E 78 -9.99 1.42 15.10
C THR E 78 -9.72 2.68 14.28
N ILE E 79 -8.76 2.62 13.36
CA ILE E 79 -8.49 3.77 12.50
C ILE E 79 -9.71 4.09 11.65
N VAL E 80 -10.39 3.04 11.16
CA VAL E 80 -11.60 3.25 10.37
C VAL E 80 -12.70 3.88 11.22
N HIS E 81 -12.88 3.38 12.44
CA HIS E 81 -13.93 3.90 13.32
C HIS E 81 -13.70 5.38 13.64
N ASN E 82 -12.51 5.72 14.11
CA ASN E 82 -12.26 7.08 14.57
C ASN E 82 -12.20 8.08 13.42
N ASN E 83 -12.10 7.61 12.19
CA ASN E 83 -12.26 8.46 11.02
C ASN E 83 -13.72 8.56 10.59
N HIS E 84 -14.63 7.95 11.35
CA HIS E 84 -16.06 7.98 11.08
C HIS E 84 -16.41 7.41 9.71
N ILE E 85 -15.66 6.41 9.28
CA ILE E 85 -16.00 5.65 8.07
C ILE E 85 -16.98 4.58 8.52
N VAL E 86 -18.27 4.89 8.40
CA VAL E 86 -19.33 4.06 8.97
C VAL E 86 -20.34 3.73 7.88
N PHE E 87 -20.99 2.58 8.03
CA PHE E 87 -22.02 2.16 7.10
C PHE E 87 -23.27 3.02 7.25
N ASP E 88 -24.07 3.08 6.19
CA ASP E 88 -25.30 3.85 6.17
C ASP E 88 -26.47 2.88 6.30
N GLY E 89 -27.33 3.12 7.29
CA GLY E 89 -28.49 2.29 7.52
C GLY E 89 -28.57 1.89 8.98
N TYR E 90 -29.35 0.86 9.24
CA TYR E 90 -29.55 0.34 10.59
C TYR E 90 -28.86 -1.01 10.72
N ILE E 91 -27.99 -1.13 11.70
CA ILE E 91 -27.39 -2.43 12.00
C ILE E 91 -28.45 -3.37 12.58
N SER E 92 -29.37 -2.83 13.38
CA SER E 92 -30.46 -3.61 13.96
C SER E 92 -31.71 -2.76 13.94
N PRO E 93 -32.46 -2.79 12.83
CA PRO E 93 -33.71 -2.00 12.77
C PRO E 93 -34.74 -2.41 13.81
N SER E 94 -34.72 -3.66 14.27
CA SER E 94 -35.61 -4.06 15.35
C SER E 94 -35.29 -3.30 16.64
N ASN E 95 -34.01 -3.11 16.92
CA ASN E 95 -33.57 -2.32 18.07
C ASN E 95 -33.47 -0.84 17.74
N ASN E 96 -33.82 -0.43 16.52
CA ASN E 96 -33.74 0.97 16.09
C ASN E 96 -32.33 1.51 16.29
N LEU E 97 -31.34 0.70 15.93
CA LEU E 97 -29.93 1.03 16.14
C LEU E 97 -29.25 1.21 14.79
N LYS E 98 -28.62 2.35 14.60
CA LYS E 98 -27.87 2.62 13.37
C LYS E 98 -26.40 2.23 13.56
N PHE E 99 -25.70 2.13 12.43
CA PHE E 99 -24.26 1.91 12.49
C PHE E 99 -23.56 3.11 13.10
N SER E 100 -24.04 4.32 12.80
CA SER E 100 -23.44 5.52 13.36
C SER E 100 -23.66 5.64 14.87
N ASP E 101 -24.66 4.94 15.41
CA ASP E 101 -24.89 4.97 16.85
C ASP E 101 -23.88 4.13 17.62
N ILE E 102 -23.16 3.23 16.95
CA ILE E 102 -22.16 2.42 17.63
C ILE E 102 -20.94 3.29 17.95
N PRO E 103 -20.48 3.32 19.20
CA PRO E 103 -19.30 4.13 19.54
C PRO E 103 -18.07 3.65 18.81
N THR E 104 -17.16 4.58 18.54
CA THR E 104 -15.92 4.30 17.84
C THR E 104 -14.81 3.83 18.77
N GLY E 105 -15.07 3.76 20.07
CA GLY E 105 -14.09 3.35 21.05
C GLY E 105 -14.22 1.89 21.43
N ILE E 106 -13.85 1.59 22.67
CA ILE E 106 -13.89 0.22 23.16
C ILE E 106 -15.34 -0.27 23.26
N ASP E 107 -16.25 0.60 23.69
CA ASP E 107 -17.63 0.21 23.91
C ASP E 107 -18.39 -0.09 22.63
N GLY E 108 -17.76 0.09 21.47
CA GLY E 108 -18.46 -0.15 20.22
C GLY E 108 -18.89 -1.59 20.03
N ILE E 109 -17.98 -2.53 20.29
CA ILE E 109 -18.32 -3.94 20.13
C ILE E 109 -19.35 -4.38 21.16
N PHE E 110 -19.36 -3.78 22.35
CA PHE E 110 -20.35 -4.11 23.36
C PHE E 110 -21.70 -3.43 23.11
N SER E 111 -21.73 -2.41 22.26
CA SER E 111 -22.99 -1.76 21.90
C SER E 111 -23.77 -2.54 20.83
N VAL E 112 -23.14 -3.50 20.17
CA VAL E 112 -23.84 -4.34 19.19
C VAL E 112 -24.88 -5.19 19.90
N PRO E 113 -26.06 -5.39 19.33
CA PRO E 113 -27.07 -6.24 19.99
C PRO E 113 -26.55 -7.65 20.22
N THR E 114 -27.16 -8.31 21.22
CA THR E 114 -26.70 -9.63 21.61
C THR E 114 -26.81 -10.62 20.45
N ALA E 115 -27.89 -10.55 19.68
CA ALA E 115 -28.01 -11.42 18.51
C ALA E 115 -26.92 -11.15 17.49
N GLY E 116 -26.57 -9.87 17.30
CA GLY E 116 -25.48 -9.55 16.40
C GLY E 116 -24.15 -10.09 16.86
N LEU E 117 -23.86 -9.97 18.16
CA LEU E 117 -22.63 -10.54 18.70
C LEU E 117 -22.63 -12.06 18.57
N ALA E 118 -23.78 -12.69 18.78
CA ALA E 118 -23.87 -14.14 18.62
C ALA E 118 -23.57 -14.54 17.18
N GLN E 119 -24.13 -13.81 16.21
CA GLN E 119 -23.85 -14.10 14.81
C GLN E 119 -22.39 -13.88 14.48
N ILE E 120 -21.78 -12.81 15.01
CA ILE E 120 -20.38 -12.52 14.74
C ILE E 120 -19.50 -13.63 15.28
N ILE E 121 -19.70 -14.02 16.54
CA ILE E 121 -18.86 -15.05 17.13
C ILE E 121 -19.11 -16.40 16.47
N ALA E 122 -20.35 -16.69 16.07
CA ALA E 122 -20.62 -17.94 15.38
C ALA E 122 -19.89 -18.00 14.05
N PHE E 123 -19.94 -16.92 13.26
CA PHE E 123 -19.24 -16.91 11.99
C PHE E 123 -17.74 -16.98 12.18
N LEU E 124 -17.20 -16.25 13.16
CA LEU E 124 -15.76 -16.29 13.39
C LEU E 124 -15.31 -17.67 13.85
N GLY E 125 -16.12 -18.33 14.68
CA GLY E 125 -15.78 -19.69 15.08
C GLY E 125 -15.86 -20.66 13.93
N PHE E 126 -16.84 -20.50 13.06
CA PHE E 126 -16.91 -21.34 11.87
C PHE E 126 -15.66 -21.15 11.01
N VAL E 127 -15.22 -19.90 10.83
CA VAL E 127 -14.02 -19.63 10.05
C VAL E 127 -12.81 -20.29 10.71
N GLU E 128 -12.63 -20.06 12.00
CA GLU E 128 -11.47 -20.56 12.73
C GLU E 128 -11.48 -22.06 12.93
N LEU E 129 -12.60 -22.74 12.71
CA LEU E 129 -12.63 -24.18 12.82
C LEU E 129 -12.63 -24.89 11.47
N ALA E 130 -13.11 -24.25 10.42
CA ALA E 130 -13.23 -24.90 9.12
C ALA E 130 -12.38 -24.23 8.03
N TRP E 131 -12.50 -22.92 7.88
CA TRP E 131 -11.86 -22.25 6.75
C TRP E 131 -10.41 -21.91 7.05
N LEU E 132 -10.14 -21.38 8.24
CA LEU E 132 -8.78 -21.06 8.69
C LEU E 132 -8.58 -21.74 10.04
N PRO E 133 -8.37 -23.05 10.05
CA PRO E 133 -8.29 -23.77 11.32
C PRO E 133 -7.16 -23.26 12.20
N ALA E 134 -7.52 -22.84 13.41
CA ALA E 134 -6.51 -22.37 14.35
C ALA E 134 -5.53 -23.47 14.75
N SER E 135 -5.89 -24.73 14.51
CA SER E 135 -4.96 -25.84 14.75
C SER E 135 -3.85 -25.91 13.73
N GLN E 136 -3.95 -25.17 12.62
CA GLN E 136 -2.90 -25.10 11.60
C GLN E 136 -1.86 -24.11 12.10
N TYR E 137 -0.83 -24.65 12.76
CA TYR E 137 0.11 -23.77 13.47
C TYR E 137 1.06 -23.05 12.53
N ASP E 138 1.37 -23.64 11.38
CA ASP E 138 2.29 -22.98 10.46
C ASP E 138 1.67 -21.76 9.79
N GLY E 139 0.36 -21.59 9.88
CA GLY E 139 -0.31 -20.42 9.34
C GLY E 139 -0.50 -20.42 7.84
N ASP E 140 -0.14 -21.50 7.16
CA ASP E 140 -0.27 -21.60 5.71
C ASP E 140 -1.67 -22.11 5.40
N TYR E 141 -2.61 -21.19 5.26
CA TYR E 141 -4.00 -21.53 4.98
C TYR E 141 -4.31 -21.54 3.49
N GLY E 142 -3.50 -22.26 2.72
CA GLY E 142 -3.75 -22.36 1.30
C GLY E 142 -3.39 -21.11 0.52
N VAL E 143 -4.00 -19.99 0.89
CA VAL E 143 -3.65 -18.73 0.26
C VAL E 143 -2.23 -18.32 0.65
N GLY E 144 -1.65 -17.45 -0.16
CA GLY E 144 -0.33 -16.93 0.15
C GLY E 144 -0.38 -15.45 0.43
N TYR E 145 0.62 -14.72 -0.04
CA TYR E 145 0.63 -13.26 0.08
C TYR E 145 -0.07 -12.72 -1.16
N PHE E 146 -1.30 -12.25 -0.96
CA PHE E 146 -2.19 -11.88 -2.07
C PHE E 146 -2.34 -13.04 -3.04
N GLY E 147 -2.49 -14.25 -2.50
CA GLY E 147 -2.76 -15.44 -3.27
C GLY E 147 -1.57 -16.07 -3.94
N ASN E 148 -0.38 -15.48 -3.80
CA ASN E 148 0.81 -15.95 -4.50
C ASN E 148 1.82 -16.49 -3.51
N ASP E 149 2.46 -17.60 -3.87
CA ASP E 149 3.59 -18.11 -3.11
C ASP E 149 4.86 -17.39 -3.55
N ILE E 150 5.65 -16.94 -2.59
CA ILE E 150 6.91 -16.25 -2.89
C ILE E 150 7.98 -17.32 -3.09
N LEU E 151 8.35 -17.56 -4.35
CA LEU E 151 9.34 -18.59 -4.64
C LEU E 151 10.75 -18.15 -4.26
N ASP E 152 11.00 -16.85 -4.15
CA ASP E 152 12.31 -16.37 -3.76
C ASP E 152 12.49 -16.59 -2.26
N PRO E 153 13.51 -17.36 -1.83
CA PRO E 153 13.65 -17.63 -0.39
C PRO E 153 13.85 -16.37 0.45
N GLU E 154 14.77 -15.49 0.04
CA GLU E 154 15.02 -14.29 0.83
C GLU E 154 13.82 -13.35 0.82
N GLU E 155 13.13 -13.20 -0.32
CA GLU E 155 11.95 -12.36 -0.37
C GLU E 155 10.83 -12.95 0.48
N LYS E 156 10.66 -14.28 0.44
CA LYS E 156 9.67 -14.93 1.27
C LYS E 156 9.96 -14.71 2.75
N ALA E 157 11.22 -14.86 3.14
CA ALA E 157 11.60 -14.63 4.52
C ALA E 157 11.37 -13.18 4.91
N ARG E 158 11.69 -12.25 4.02
CA ARG E 158 11.49 -10.83 4.32
C ARG E 158 10.02 -10.51 4.52
N LYS E 159 9.14 -11.07 3.69
CA LYS E 159 7.73 -10.77 3.83
C LYS E 159 7.14 -11.44 5.06
N LEU E 160 7.61 -12.64 5.41
CA LEU E 160 7.17 -13.27 6.65
C LEU E 160 7.62 -12.47 7.86
N ASN E 161 8.86 -11.97 7.83
CA ASN E 161 9.34 -11.11 8.91
C ASN E 161 8.56 -9.81 8.98
N ALA E 162 8.18 -9.27 7.82
CA ALA E 162 7.36 -8.07 7.80
C ALA E 162 6.01 -8.32 8.43
N GLU E 163 5.41 -9.48 8.13
CA GLU E 163 4.14 -9.83 8.76
C GLU E 163 4.30 -9.93 10.27
N LEU E 164 5.34 -10.61 10.73
CA LEU E 164 5.54 -10.78 12.17
C LEU E 164 5.79 -9.44 12.86
N ASN E 165 6.64 -8.59 12.27
CA ASN E 165 6.94 -7.31 12.88
C ASN E 165 5.73 -6.39 12.88
N ASN E 166 4.96 -6.37 11.79
CA ASN E 166 3.74 -5.58 11.78
C ASN E 166 2.73 -6.10 12.77
N GLY E 167 2.67 -7.42 12.97
CA GLY E 167 1.79 -7.97 13.98
C GLY E 167 2.20 -7.56 15.38
N ARG E 168 3.50 -7.57 15.66
CA ARG E 168 3.98 -7.14 16.96
C ARG E 168 3.69 -5.65 17.19
N ALA E 169 3.97 -4.83 16.18
CA ALA E 169 3.72 -3.40 16.29
C ALA E 169 2.23 -3.13 16.47
N ALA E 170 1.39 -3.90 15.79
CA ALA E 170 -0.05 -3.71 15.91
C ALA E 170 -0.58 -4.21 17.25
N MET E 171 0.01 -5.27 17.80
CA MET E 171 -0.35 -5.68 19.15
C MET E 171 -0.06 -4.57 20.14
N MET E 172 1.15 -4.02 20.08
CA MET E 172 1.49 -2.91 20.96
C MET E 172 0.58 -1.72 20.72
N GLY E 173 0.28 -1.42 19.45
CA GLY E 173 -0.54 -0.28 19.14
C GLY E 173 -1.98 -0.41 19.62
N ILE E 174 -2.58 -1.58 19.43
CA ILE E 174 -3.95 -1.76 19.87
C ILE E 174 -4.03 -1.76 21.39
N MET E 175 -3.03 -2.34 22.06
CA MET E 175 -3.00 -2.27 23.52
C MET E 175 -2.88 -0.82 23.98
N GLY E 176 -2.02 -0.05 23.33
CA GLY E 176 -1.85 1.33 23.72
C GLY E 176 -3.10 2.16 23.46
N ASN E 177 -3.77 1.91 22.33
CA ASN E 177 -4.99 2.63 22.01
C ASN E 177 -6.08 2.34 23.04
N MET E 178 -6.27 1.06 23.37
CA MET E 178 -7.29 0.70 24.35
C MET E 178 -6.96 1.27 25.73
N VAL E 179 -5.70 1.17 26.14
CA VAL E 179 -5.32 1.68 27.46
C VAL E 179 -5.45 3.20 27.52
N ALA E 180 -5.07 3.89 26.45
CA ALA E 180 -5.20 5.34 26.41
C ALA E 180 -6.66 5.76 26.45
N GLU E 181 -7.53 5.03 25.75
CA GLU E 181 -8.95 5.35 25.81
C GLU E 181 -9.50 5.14 27.22
N LYS E 182 -9.09 4.05 27.88
CA LYS E 182 -9.55 3.81 29.24
C LYS E 182 -9.04 4.88 30.21
N ILE E 183 -7.77 5.26 30.08
CA ILE E 183 -7.18 6.23 31.01
C ILE E 183 -7.78 7.61 30.78
N THR E 184 -7.84 8.06 29.52
CA THR E 184 -8.36 9.38 29.23
C THR E 184 -9.87 9.46 29.35
N GLY E 185 -10.56 8.33 29.25
CA GLY E 185 -12.01 8.32 29.33
C GLY E 185 -12.71 8.78 28.07
N GLN E 186 -11.97 9.04 26.99
CA GLN E 186 -12.54 9.49 25.73
C GLN E 186 -11.93 8.70 24.59
N THR E 187 -12.71 8.50 23.53
CA THR E 187 -12.26 7.71 22.40
C THR E 187 -11.12 8.42 21.67
N MET E 188 -10.53 7.72 20.71
CA MET E 188 -9.40 8.28 19.97
C MET E 188 -9.81 9.54 19.21
N TYR E 189 -10.98 9.50 18.55
CA TYR E 189 -11.45 10.68 17.85
C TYR E 189 -11.71 11.83 18.81
N GLU E 190 -12.36 11.56 19.94
CA GLU E 190 -12.63 12.60 20.91
C GLU E 190 -11.33 13.15 21.50
N GLN E 191 -10.37 12.27 21.79
CA GLN E 191 -9.09 12.71 22.32
C GLN E 191 -8.36 13.62 21.33
N TYR E 192 -8.36 13.24 20.06
CA TYR E 192 -7.67 14.04 19.05
C TYR E 192 -8.39 15.37 18.82
N ALA E 193 -9.72 15.36 18.83
CA ALA E 193 -10.48 16.59 18.65
C ALA E 193 -10.24 17.54 19.82
N ALA E 194 -10.16 17.01 21.03
CA ALA E 194 -9.92 17.83 22.20
C ALA E 194 -8.48 18.36 22.26
N GLY E 195 -7.59 17.86 21.41
CA GLY E 195 -6.20 18.26 21.49
C GLY E 195 -5.47 17.67 22.67
N HIS E 196 -5.95 16.55 23.21
CA HIS E 196 -5.35 15.93 24.39
C HIS E 196 -4.23 14.98 23.96
N PHE E 197 -3.10 15.60 23.60
CA PHE E 197 -1.94 14.85 23.12
C PHE E 197 -0.77 14.87 24.09
N ASN E 198 -0.59 15.94 24.85
CA ASN E 198 0.52 16.04 25.79
C ASN E 198 0.09 15.48 27.13
N PRO E 199 0.67 14.37 27.59
CA PRO E 199 0.26 13.79 28.87
C PRO E 199 0.73 14.55 30.09
N PHE E 200 1.56 15.58 29.91
CA PHE E 200 2.20 16.26 31.02
C PHE E 200 1.54 17.58 31.38
N ASN E 201 1.17 18.39 30.38
CA ASN E 201 0.60 19.70 30.67
C ASN E 201 -0.87 19.63 31.11
N ASP E 202 -1.56 18.54 30.82
CA ASP E 202 -2.95 18.42 31.22
C ASP E 202 -3.04 18.19 32.74
N GLY E 203 -4.23 18.41 33.28
CA GLY E 203 -4.47 18.24 34.69
C GLY E 203 -4.78 16.83 35.13
N GLU E 204 -4.77 15.88 34.21
CA GLU E 204 -5.15 14.50 34.52
C GLU E 204 -3.92 13.69 34.91
N GLY E 205 -4.10 12.79 35.86
CA GLY E 205 -3.07 11.84 36.21
C GLY E 205 -1.91 12.45 36.99
N PHE E 206 -0.86 11.63 37.11
CA PHE E 206 0.34 12.03 37.85
C PHE E 206 1.01 13.23 37.17
N PHE E 207 1.11 13.21 35.85
CA PHE E 207 1.72 14.31 35.12
C PHE E 207 0.65 15.29 34.64
#